data_2UDP
#
_entry.id   2UDP
#
_cell.length_a   76.000
_cell.length_b   78.700
_cell.length_c   128.600
_cell.angle_alpha   90.00
_cell.angle_beta   90.00
_cell.angle_gamma   90.00
#
_symmetry.space_group_name_H-M   'P 21 21 21'
#
loop_
_entity.id
_entity.type
_entity.pdbx_description
1 polymer 'UDP-GALACTOSE 4-EPIMERASE'
2 non-polymer NICOTINAMIDE-ADENINE-DINUCLEOTIDE
3 non-polymer "PHENYL-URIDINE-5'-DIPHOSPHATE"
4 non-polymer 'SODIUM ION'
5 non-polymer 1,2-ETHANEDIOL
6 water water
#
_entity_poly.entity_id   1
_entity_poly.type   'polypeptide(L)'
_entity_poly.pdbx_seq_one_letter_code
;MRVLVTGGSGYIGSHTCVQLLQNGHDVIILDNLCNSKRSVLPVIERLGGKHPTFVEGDIRNEALMTEILHDHAIDTVIHF
AGLKAVGESVQKPLEYYDNNVNGTLRLISAMRAANVKNFIFSSSATVYGDQPKIPYVESFPTGTPQSPYGKSKLMVEQIL
TDLQKAQPDWSIALLRYFNPVGAHPSGDMGEDPQGIPNNLMPYIAQVAVGRRDSLAIFGNDYPTEDGTGVRDYIHVMDLA
DGHVVAMEKLANKPGVHIYNLGAGVGNSVLDVVNAFSKACGKPVNYHFAPRREGDLPAYWADASKADRELNWRVTRTLDE
MAQDTWHWQSRHPQGYPD
;
_entity_poly.pdbx_strand_id   A,B
#
# COMPACT_ATOMS: atom_id res chain seq x y z
N MET A 1 -5.65 -5.31 -31.24
CA MET A 1 -6.28 -5.08 -29.95
C MET A 1 -6.48 -3.62 -29.64
N ARG A 2 -7.54 -3.38 -28.86
CA ARG A 2 -7.92 -2.07 -28.38
C ARG A 2 -7.26 -1.84 -27.01
N VAL A 3 -6.15 -1.12 -27.06
CA VAL A 3 -5.35 -0.91 -25.88
C VAL A 3 -5.42 0.49 -25.32
N LEU A 4 -5.54 0.56 -23.99
CA LEU A 4 -5.52 1.82 -23.30
C LEU A 4 -4.18 1.99 -22.62
N VAL A 5 -3.45 3.03 -23.02
CA VAL A 5 -2.13 3.29 -22.49
C VAL A 5 -2.14 4.49 -21.56
N THR A 6 -2.21 4.23 -20.26
CA THR A 6 -2.11 5.33 -19.32
C THR A 6 -0.67 5.77 -19.33
N GLY A 7 -0.41 7.03 -18.98
CA GLY A 7 0.95 7.54 -19.03
C GLY A 7 1.59 7.41 -20.41
N GLY A 8 0.75 7.41 -21.44
CA GLY A 8 1.19 7.20 -22.82
C GLY A 8 1.96 8.33 -23.48
N SER A 9 1.85 9.56 -22.97
CA SER A 9 2.61 10.65 -23.56
C SER A 9 3.95 10.84 -22.86
N GLY A 10 4.24 9.94 -21.92
CA GLY A 10 5.47 9.96 -21.15
C GLY A 10 6.59 9.28 -21.91
N TYR A 11 7.73 9.16 -21.27
CA TYR A 11 8.88 8.59 -21.95
C TYR A 11 8.70 7.20 -22.52
N ILE A 12 8.47 6.21 -21.66
CA ILE A 12 8.34 4.84 -22.10
C ILE A 12 7.02 4.60 -22.84
N GLY A 13 6.00 5.26 -22.33
CA GLY A 13 4.68 5.15 -22.93
C GLY A 13 4.62 5.56 -24.39
N SER A 14 5.23 6.70 -24.72
CA SER A 14 5.15 7.24 -26.07
C SER A 14 5.83 6.31 -27.06
N HIS A 15 6.96 5.78 -26.62
CA HIS A 15 7.71 4.88 -27.47
C HIS A 15 6.94 3.60 -27.66
N THR A 16 6.28 3.19 -26.59
CA THR A 16 5.49 1.98 -26.63
C THR A 16 4.30 2.19 -27.55
N CYS A 17 3.68 3.35 -27.46
CA CYS A 17 2.57 3.64 -28.35
C CYS A 17 3.00 3.62 -29.82
N VAL A 18 4.22 4.05 -30.08
CA VAL A 18 4.71 4.00 -31.44
C VAL A 18 4.72 2.59 -31.99
N GLN A 19 5.28 1.66 -31.21
CA GLN A 19 5.39 0.25 -31.59
C GLN A 19 4.04 -0.42 -31.72
N LEU A 20 3.12 -0.04 -30.84
CA LEU A 20 1.78 -0.59 -30.87
C LEU A 20 1.07 -0.27 -32.18
N LEU A 21 1.07 1.02 -32.52
CA LEU A 21 0.48 1.56 -33.74
C LEU A 21 1.12 0.91 -34.97
N GLN A 22 2.44 0.81 -34.92
CA GLN A 22 3.18 0.14 -35.95
C GLN A 22 2.71 -1.30 -36.08
N ASN A 23 2.24 -1.88 -34.98
CA ASN A 23 1.73 -3.23 -35.03
C ASN A 23 0.25 -3.35 -35.40
N GLY A 24 -0.41 -2.23 -35.67
CA GLY A 24 -1.81 -2.25 -36.08
C GLY A 24 -2.83 -2.18 -34.96
N HIS A 25 -2.37 -2.00 -33.71
CA HIS A 25 -3.31 -1.90 -32.59
C HIS A 25 -3.99 -0.56 -32.58
N ASP A 26 -5.16 -0.54 -31.94
CA ASP A 26 -5.95 0.65 -31.69
C ASP A 26 -5.57 1.22 -30.34
N VAL A 27 -4.89 2.35 -30.37
CA VAL A 27 -4.32 2.93 -29.18
C VAL A 27 -5.08 4.14 -28.68
N ILE A 28 -5.46 4.06 -27.41
CA ILE A 28 -6.04 5.16 -26.65
C ILE A 28 -5.10 5.57 -25.53
N ILE A 29 -4.56 6.79 -25.64
CA ILE A 29 -3.68 7.32 -24.61
C ILE A 29 -4.47 8.08 -23.56
N LEU A 30 -4.12 7.85 -22.29
CA LEU A 30 -4.70 8.57 -21.18
C LEU A 30 -3.55 9.13 -20.38
N ASP A 31 -3.52 10.46 -20.29
CA ASP A 31 -2.42 11.11 -19.60
C ASP A 31 -2.84 12.43 -18.98
N ASN A 32 -2.37 12.68 -17.76
CA ASN A 32 -2.67 13.93 -17.11
C ASN A 32 -1.66 15.03 -17.42
N LEU A 33 -0.62 14.68 -18.17
CA LEU A 33 0.36 15.66 -18.61
C LEU A 33 1.13 16.32 -17.48
N CYS A 34 1.21 15.69 -16.32
CA CYS A 34 1.97 16.26 -15.23
C CYS A 34 3.47 16.16 -15.48
N ASN A 35 3.84 15.24 -16.37
CA ASN A 35 5.24 15.02 -16.68
C ASN A 35 5.49 14.81 -18.17
N SER A 36 4.59 15.32 -18.97
CA SER A 36 4.70 15.15 -20.40
C SER A 36 3.97 16.31 -21.07
N LYS A 37 4.12 16.44 -22.40
CA LYS A 37 3.49 17.53 -23.13
C LYS A 37 2.72 16.97 -24.33
N ARG A 38 1.60 17.63 -24.66
CA ARG A 38 0.77 17.26 -25.80
C ARG A 38 1.55 17.24 -27.09
N SER A 39 2.61 18.05 -27.15
CA SER A 39 3.39 18.14 -28.36
C SER A 39 4.00 16.84 -28.82
N VAL A 40 4.03 15.83 -27.94
CA VAL A 40 4.58 14.55 -28.34
C VAL A 40 3.57 13.77 -29.19
N LEU A 41 2.30 14.20 -29.08
CA LEU A 41 1.22 13.47 -29.74
C LEU A 41 1.40 13.25 -31.23
N PRO A 42 1.63 14.34 -31.96
CA PRO A 42 1.71 14.25 -33.41
C PRO A 42 2.92 13.43 -33.83
N VAL A 43 3.93 13.47 -32.97
CA VAL A 43 5.14 12.69 -33.20
C VAL A 43 4.85 11.21 -33.10
N ILE A 44 4.12 10.82 -32.05
CA ILE A 44 3.73 9.44 -31.88
C ILE A 44 2.93 8.98 -33.09
N GLU A 45 2.07 9.88 -33.58
CA GLU A 45 1.25 9.54 -34.72
C GLU A 45 2.09 9.36 -35.97
N ARG A 46 2.91 10.36 -36.25
CA ARG A 46 3.77 10.32 -37.41
C ARG A 46 4.62 9.06 -37.45
N LEU A 47 5.28 8.78 -36.32
CA LEU A 47 6.15 7.63 -36.20
C LEU A 47 5.35 6.33 -36.06
N GLY A 48 4.21 6.39 -35.35
CA GLY A 48 3.38 5.21 -35.13
C GLY A 48 2.82 4.74 -36.46
N GLY A 49 2.65 5.72 -37.36
CA GLY A 49 2.07 5.50 -38.67
C GLY A 49 0.55 5.37 -38.62
N LYS A 50 -0.03 5.71 -37.47
CA LYS A 50 -1.45 5.57 -37.20
C LYS A 50 -1.84 6.46 -36.04
N HIS A 51 -3.03 6.97 -36.12
CA HIS A 51 -3.51 7.87 -35.10
C HIS A 51 -4.01 7.16 -33.85
N PRO A 52 -3.40 7.54 -32.74
CA PRO A 52 -3.78 7.08 -31.41
C PRO A 52 -4.69 8.14 -30.81
N THR A 53 -5.81 7.72 -30.20
CA THR A 53 -6.70 8.67 -29.55
C THR A 53 -6.03 9.17 -28.28
N PHE A 54 -6.28 10.42 -27.94
CA PHE A 54 -5.69 10.97 -26.73
C PHE A 54 -6.79 11.44 -25.81
N VAL A 55 -6.62 11.15 -24.53
CA VAL A 55 -7.55 11.63 -23.54
C VAL A 55 -6.77 12.20 -22.37
N GLU A 56 -6.99 13.50 -22.10
CA GLU A 56 -6.34 14.12 -20.98
C GLU A 56 -7.15 13.79 -19.74
N GLY A 57 -6.54 13.09 -18.79
CA GLY A 57 -7.24 12.73 -17.58
C GLY A 57 -6.32 11.99 -16.64
N ASP A 58 -6.83 11.82 -15.42
CA ASP A 58 -6.10 11.23 -14.32
C ASP A 58 -6.54 9.80 -14.00
N ILE A 59 -5.58 8.93 -13.78
CA ILE A 59 -5.88 7.57 -13.38
C ILE A 59 -6.68 7.53 -12.08
N ARG A 60 -6.61 8.60 -11.32
CA ARG A 60 -7.33 8.63 -10.05
C ARG A 60 -8.82 8.88 -10.18
N ASN A 61 -9.27 9.28 -11.39
CA ASN A 61 -10.67 9.52 -11.73
C ASN A 61 -11.34 8.25 -12.19
N GLU A 62 -11.85 7.51 -11.19
CA GLU A 62 -12.38 6.19 -11.44
C GLU A 62 -13.51 6.18 -12.47
N ALA A 63 -14.41 7.15 -12.32
CA ALA A 63 -15.54 7.28 -13.23
C ALA A 63 -15.08 7.51 -14.66
N LEU A 64 -14.09 8.39 -14.79
CA LEU A 64 -13.55 8.73 -16.09
C LEU A 64 -12.90 7.52 -16.69
N MET A 65 -12.17 6.79 -15.85
CA MET A 65 -11.55 5.55 -16.29
C MET A 65 -12.61 4.55 -16.75
N THR A 66 -13.69 4.45 -15.99
CA THR A 66 -14.71 3.51 -16.39
C THR A 66 -15.29 3.90 -17.74
N GLU A 67 -15.50 5.21 -17.89
CA GLU A 67 -16.05 5.77 -19.10
C GLU A 67 -15.19 5.48 -20.31
N ILE A 68 -13.90 5.68 -20.16
CA ILE A 68 -13.01 5.39 -21.28
C ILE A 68 -13.01 3.90 -21.64
N LEU A 69 -12.85 3.05 -20.64
CA LEU A 69 -12.77 1.63 -20.90
C LEU A 69 -13.98 1.17 -21.70
N HIS A 70 -15.14 1.68 -21.31
CA HIS A 70 -16.38 1.28 -21.95
C HIS A 70 -16.50 1.90 -23.34
N ASP A 71 -16.43 3.22 -23.36
CA ASP A 71 -16.59 3.96 -24.58
C ASP A 71 -15.65 3.53 -25.67
N HIS A 72 -14.42 3.22 -25.29
CA HIS A 72 -13.46 2.82 -26.30
C HIS A 72 -13.36 1.31 -26.49
N ALA A 73 -14.23 0.57 -25.81
CA ALA A 73 -14.20 -0.87 -25.94
C ALA A 73 -12.81 -1.46 -25.80
N ILE A 74 -12.18 -1.15 -24.67
CA ILE A 74 -10.83 -1.62 -24.38
C ILE A 74 -10.73 -3.13 -24.09
N ASP A 75 -9.67 -3.72 -24.65
CA ASP A 75 -9.34 -5.12 -24.43
C ASP A 75 -8.26 -5.34 -23.36
N THR A 76 -7.28 -4.46 -23.36
CA THR A 76 -6.14 -4.59 -22.46
C THR A 76 -5.65 -3.21 -22.08
N VAL A 77 -5.03 -3.15 -20.88
CA VAL A 77 -4.56 -1.90 -20.33
C VAL A 77 -3.10 -1.99 -19.92
N ILE A 78 -2.29 -1.12 -20.54
CA ILE A 78 -0.87 -0.95 -20.22
C ILE A 78 -0.72 0.29 -19.35
N HIS A 79 -0.37 0.05 -18.09
CA HIS A 79 -0.34 1.09 -17.08
C HIS A 79 1.04 1.67 -16.82
N PHE A 80 1.39 2.75 -17.53
CA PHE A 80 2.68 3.40 -17.29
C PHE A 80 2.51 4.58 -16.36
N ALA A 81 1.31 5.10 -16.26
CA ALA A 81 1.14 6.31 -15.50
C ALA A 81 1.54 6.23 -14.04
N GLY A 82 2.22 7.28 -13.58
CA GLY A 82 2.60 7.45 -12.19
C GLY A 82 3.72 8.45 -11.97
N LEU A 83 4.10 8.63 -10.70
CA LEU A 83 5.22 9.46 -10.27
C LEU A 83 6.45 8.58 -10.13
N LYS A 84 7.63 9.06 -10.51
CA LYS A 84 8.76 8.15 -10.61
C LYS A 84 10.12 8.65 -10.13
N ALA A 85 10.09 9.75 -9.40
CA ALA A 85 11.33 10.28 -8.88
C ALA A 85 11.57 9.81 -7.45
N VAL A 86 12.67 9.07 -7.29
CA VAL A 86 13.04 8.56 -5.99
C VAL A 86 13.22 9.62 -4.92
N GLY A 87 14.06 10.62 -5.22
CA GLY A 87 14.35 11.70 -4.28
C GLY A 87 13.10 12.43 -3.79
N GLU A 88 12.30 12.83 -4.77
CA GLU A 88 11.02 13.46 -4.48
C GLU A 88 10.11 12.58 -3.64
N SER A 89 10.11 11.26 -3.89
CA SER A 89 9.24 10.37 -3.14
C SER A 89 9.51 10.46 -1.65
N VAL A 90 10.80 10.59 -1.30
CA VAL A 90 11.21 10.77 0.08
C VAL A 90 10.66 12.04 0.68
N GLN A 91 10.67 13.10 -0.13
CA GLN A 91 10.18 14.40 0.29
C GLN A 91 8.66 14.50 0.30
N LYS A 92 7.98 13.76 -0.59
CA LYS A 92 6.52 13.83 -0.72
C LYS A 92 5.88 12.46 -0.88
N PRO A 93 6.00 11.66 0.17
CA PRO A 93 5.48 10.31 0.13
C PRO A 93 4.00 10.25 -0.28
N LEU A 94 3.14 11.05 0.37
CA LEU A 94 1.72 10.95 0.09
C LEU A 94 1.33 11.04 -1.39
N GLU A 95 2.01 11.93 -2.11
CA GLU A 95 1.78 12.16 -3.52
C GLU A 95 2.12 10.91 -4.28
N TYR A 96 3.18 10.25 -3.79
CA TYR A 96 3.58 8.98 -4.37
C TYR A 96 2.59 7.83 -4.18
N TYR A 97 2.11 7.64 -2.98
CA TYR A 97 1.15 6.59 -2.67
C TYR A 97 -0.18 6.90 -3.33
N ASP A 98 -0.50 8.17 -3.40
CA ASP A 98 -1.76 8.53 -4.05
C ASP A 98 -1.76 8.20 -5.53
N ASN A 99 -0.75 8.72 -6.21
CA ASN A 99 -0.64 8.49 -7.63
C ASN A 99 -0.38 7.03 -7.94
N ASN A 100 0.53 6.45 -7.19
CA ASN A 100 0.97 5.10 -7.48
C ASN A 100 0.04 4.02 -6.95
N VAL A 101 -0.20 4.07 -5.64
CA VAL A 101 -1.04 3.06 -5.04
C VAL A 101 -2.51 3.27 -5.38
N ASN A 102 -3.00 4.43 -5.00
CA ASN A 102 -4.39 4.74 -5.24
C ASN A 102 -4.70 4.94 -6.71
N GLY A 103 -3.76 5.51 -7.45
CA GLY A 103 -3.99 5.71 -8.87
C GLY A 103 -4.19 4.39 -9.59
N THR A 104 -3.35 3.39 -9.28
CA THR A 104 -3.57 2.08 -9.87
C THR A 104 -4.86 1.42 -9.40
N LEU A 105 -5.13 1.54 -8.09
CA LEU A 105 -6.33 1.02 -7.44
C LEU A 105 -7.60 1.51 -8.14
N ARG A 106 -7.63 2.81 -8.42
CA ARG A 106 -8.77 3.39 -9.11
C ARG A 106 -8.95 2.82 -10.53
N LEU A 107 -7.84 2.70 -11.23
CA LEU A 107 -7.90 2.20 -12.61
C LEU A 107 -8.40 0.76 -12.67
N ILE A 108 -7.83 -0.13 -11.87
CA ILE A 108 -8.27 -1.50 -11.88
C ILE A 108 -9.70 -1.63 -11.37
N SER A 109 -10.08 -0.79 -10.43
CA SER A 109 -11.45 -0.79 -9.93
C SER A 109 -12.39 -0.46 -11.09
N ALA A 110 -11.94 0.44 -11.95
CA ALA A 110 -12.71 0.83 -13.12
C ALA A 110 -12.73 -0.29 -14.13
N MET A 111 -11.58 -0.95 -14.31
CA MET A 111 -11.46 -2.12 -15.16
C MET A 111 -12.44 -3.20 -14.76
N ARG A 112 -12.59 -3.41 -13.46
CA ARG A 112 -13.59 -4.32 -12.95
C ARG A 112 -14.97 -3.86 -13.35
N ALA A 113 -15.26 -2.59 -13.16
CA ALA A 113 -16.57 -2.08 -13.54
C ALA A 113 -16.90 -2.23 -15.04
N ALA A 114 -15.87 -2.11 -15.89
CA ALA A 114 -16.03 -2.15 -17.34
C ALA A 114 -15.81 -3.55 -17.92
N ASN A 115 -15.47 -4.49 -17.05
CA ASN A 115 -15.24 -5.88 -17.38
C ASN A 115 -14.01 -6.11 -18.26
N VAL A 116 -12.96 -5.34 -18.00
CA VAL A 116 -11.68 -5.52 -18.66
C VAL A 116 -10.79 -6.31 -17.73
N LYS A 117 -10.09 -7.30 -18.28
CA LYS A 117 -9.36 -8.26 -17.47
C LYS A 117 -7.97 -8.60 -17.97
N ASN A 118 -7.46 -7.76 -18.88
CA ASN A 118 -6.09 -7.86 -19.32
C ASN A 118 -5.32 -6.63 -18.85
N PHE A 119 -4.20 -6.82 -18.13
CA PHE A 119 -3.44 -5.71 -17.56
C PHE A 119 -1.95 -5.92 -17.66
N ILE A 120 -1.23 -4.83 -17.95
CA ILE A 120 0.23 -4.82 -17.99
C ILE A 120 0.75 -3.70 -17.11
N PHE A 121 1.57 -4.03 -16.10
CA PHE A 121 2.05 -3.06 -15.13
C PHE A 121 3.52 -2.69 -15.20
N SER A 122 3.77 -1.37 -15.14
CA SER A 122 5.11 -0.82 -15.10
C SER A 122 5.71 -0.99 -13.72
N SER A 123 6.39 -2.11 -13.55
CA SER A 123 7.03 -2.37 -12.30
C SER A 123 8.49 -1.93 -12.30
N SER A 124 9.21 -2.47 -11.33
CA SER A 124 10.54 -1.98 -11.11
C SER A 124 11.42 -2.91 -10.29
N ALA A 125 12.71 -2.88 -10.62
CA ALA A 125 13.75 -3.63 -9.93
C ALA A 125 13.83 -3.29 -8.45
N THR A 126 13.30 -2.13 -8.05
CA THR A 126 13.33 -1.76 -6.65
C THR A 126 12.61 -2.77 -5.75
N VAL A 127 11.64 -3.48 -6.32
CA VAL A 127 10.86 -4.42 -5.55
C VAL A 127 11.76 -5.45 -4.89
N TYR A 128 12.91 -5.69 -5.48
CA TYR A 128 13.83 -6.65 -4.90
C TYR A 128 14.52 -6.17 -3.62
N GLY A 129 14.44 -4.87 -3.36
CA GLY A 129 15.12 -4.35 -2.17
C GLY A 129 16.61 -4.66 -2.19
N ASP A 130 17.20 -4.74 -1.01
CA ASP A 130 18.64 -4.94 -0.88
C ASP A 130 19.00 -6.39 -1.07
N GLN A 131 18.91 -6.81 -2.33
CA GLN A 131 19.12 -8.20 -2.70
C GLN A 131 20.58 -8.46 -3.00
N PRO A 132 21.19 -9.32 -2.20
CA PRO A 132 22.60 -9.62 -2.35
C PRO A 132 22.89 -10.49 -3.57
N LYS A 133 21.92 -11.33 -3.92
CA LYS A 133 22.01 -12.18 -5.10
C LYS A 133 21.77 -11.40 -6.38
N ILE A 134 22.78 -11.45 -7.24
CA ILE A 134 22.78 -10.73 -8.49
C ILE A 134 23.39 -11.59 -9.59
N PRO A 135 22.72 -11.63 -10.73
CA PRO A 135 21.56 -10.79 -10.99
C PRO A 135 20.25 -11.23 -10.35
N TYR A 136 19.30 -10.32 -10.45
CA TYR A 136 17.96 -10.56 -9.92
C TYR A 136 17.12 -11.50 -10.79
N VAL A 137 16.56 -12.51 -10.11
CA VAL A 137 15.68 -13.48 -10.71
C VAL A 137 14.26 -13.35 -10.21
N GLU A 138 13.28 -13.53 -11.09
CA GLU A 138 11.88 -13.29 -10.72
C GLU A 138 11.36 -14.14 -9.56
N SER A 139 12.04 -15.26 -9.35
CA SER A 139 11.76 -16.25 -8.32
C SER A 139 12.26 -15.84 -6.94
N PHE A 140 13.16 -14.85 -6.91
CA PHE A 140 13.68 -14.28 -5.66
C PHE A 140 12.51 -13.68 -4.90
N PRO A 141 12.49 -13.76 -3.58
CA PRO A 141 11.42 -13.08 -2.88
C PRO A 141 11.67 -11.59 -2.87
N THR A 142 10.60 -10.80 -2.91
CA THR A 142 10.79 -9.38 -2.92
C THR A 142 11.41 -8.92 -1.62
N GLY A 143 12.25 -7.90 -1.67
CA GLY A 143 12.83 -7.36 -0.45
C GLY A 143 12.05 -6.17 0.09
N THR A 144 12.78 -5.29 0.77
CA THR A 144 12.20 -4.07 1.29
C THR A 144 12.71 -2.81 0.61
N PRO A 145 11.93 -2.29 -0.33
CA PRO A 145 12.33 -1.07 -1.02
C PRO A 145 12.56 0.07 -0.03
N GLN A 146 13.62 0.82 -0.28
CA GLN A 146 14.06 1.92 0.57
C GLN A 146 13.19 3.16 0.51
N SER A 147 12.78 3.54 -0.69
CA SER A 147 11.97 4.74 -0.84
C SER A 147 10.48 4.48 -0.94
N PRO A 148 9.74 5.56 -0.77
CA PRO A 148 8.31 5.51 -0.95
C PRO A 148 8.01 5.13 -2.39
N TYR A 149 8.86 5.58 -3.30
CA TYR A 149 8.69 5.20 -4.69
C TYR A 149 8.69 3.68 -4.85
N GLY A 150 9.77 3.09 -4.34
CA GLY A 150 9.98 1.65 -4.36
C GLY A 150 8.86 0.90 -3.63
N LYS A 151 8.46 1.43 -2.48
CA LYS A 151 7.41 0.77 -1.75
C LYS A 151 6.10 0.77 -2.53
N SER A 152 5.78 1.92 -3.11
CA SER A 152 4.53 2.04 -3.85
C SER A 152 4.44 1.01 -4.95
N LYS A 153 5.56 0.71 -5.61
CA LYS A 153 5.59 -0.26 -6.69
C LYS A 153 5.33 -1.69 -6.21
N LEU A 154 5.97 -2.05 -5.09
CA LEU A 154 5.82 -3.37 -4.49
C LEU A 154 4.39 -3.52 -4.00
N MET A 155 3.87 -2.43 -3.44
CA MET A 155 2.52 -2.44 -2.93
C MET A 155 1.54 -2.73 -4.04
N VAL A 156 1.77 -2.11 -5.20
CA VAL A 156 0.89 -2.34 -6.33
C VAL A 156 0.99 -3.78 -6.80
N GLU A 157 2.21 -4.31 -6.81
CA GLU A 157 2.37 -5.70 -7.24
C GLU A 157 1.50 -6.64 -6.40
N GLN A 158 1.65 -6.53 -5.08
CA GLN A 158 0.92 -7.27 -4.08
C GLN A 158 -0.57 -7.15 -4.29
N ILE A 159 -1.03 -5.93 -4.51
CA ILE A 159 -2.46 -5.72 -4.73
C ILE A 159 -2.97 -6.44 -6.00
N LEU A 160 -2.25 -6.26 -7.10
CA LEU A 160 -2.61 -6.92 -8.36
C LEU A 160 -2.60 -8.42 -8.19
N THR A 161 -1.68 -8.87 -7.36
CA THR A 161 -1.58 -10.28 -7.06
C THR A 161 -2.79 -10.78 -6.30
N ASP A 162 -3.19 -10.03 -5.29
CA ASP A 162 -4.37 -10.42 -4.53
C ASP A 162 -5.61 -10.37 -5.39
N LEU A 163 -5.65 -9.36 -6.25
CA LEU A 163 -6.78 -9.18 -7.15
C LEU A 163 -6.89 -10.36 -8.08
N GLN A 164 -5.75 -10.84 -8.55
CA GLN A 164 -5.79 -11.91 -9.52
C GLN A 164 -6.26 -13.18 -8.87
N LYS A 165 -6.04 -13.30 -7.57
CA LYS A 165 -6.50 -14.47 -6.85
C LYS A 165 -8.00 -14.48 -6.72
N ALA A 166 -8.52 -13.29 -6.44
CA ALA A 166 -9.95 -13.08 -6.26
C ALA A 166 -10.71 -13.06 -7.58
N GLN A 167 -9.98 -12.83 -8.66
CA GLN A 167 -10.51 -12.75 -10.00
C GLN A 167 -9.56 -13.48 -10.93
N PRO A 168 -9.62 -14.80 -10.83
CA PRO A 168 -8.75 -15.70 -11.55
C PRO A 168 -8.85 -15.65 -13.07
N ASP A 169 -9.82 -14.91 -13.60
CA ASP A 169 -9.90 -14.77 -15.05
C ASP A 169 -8.91 -13.74 -15.63
N TRP A 170 -8.33 -12.92 -14.75
CA TRP A 170 -7.43 -11.86 -15.16
C TRP A 170 -6.05 -12.34 -15.57
N SER A 171 -5.52 -11.71 -16.63
CA SER A 171 -4.13 -11.84 -17.05
C SER A 171 -3.42 -10.57 -16.64
N ILE A 172 -2.51 -10.65 -15.65
CA ILE A 172 -1.78 -9.49 -15.17
C ILE A 172 -0.28 -9.61 -15.41
N ALA A 173 0.34 -8.67 -16.14
CA ALA A 173 1.80 -8.74 -16.30
C ALA A 173 2.53 -7.75 -15.40
N LEU A 174 3.41 -8.27 -14.55
CA LEU A 174 4.27 -7.48 -13.69
C LEU A 174 5.66 -7.40 -14.30
N LEU A 175 5.85 -6.31 -15.05
CA LEU A 175 7.05 -6.06 -15.83
C LEU A 175 8.04 -5.23 -15.07
N ARG A 176 9.09 -5.88 -14.59
CA ARG A 176 10.04 -5.17 -13.78
C ARG A 176 11.10 -4.48 -14.59
N TYR A 177 11.03 -3.15 -14.69
CA TYR A 177 12.05 -2.39 -15.40
C TYR A 177 13.28 -2.15 -14.57
N PHE A 178 14.41 -2.10 -15.27
CA PHE A 178 15.70 -1.73 -14.73
C PHE A 178 16.08 -0.27 -15.05
N ASN A 179 16.94 -0.04 -16.03
CA ASN A 179 17.33 1.32 -16.37
C ASN A 179 17.16 1.62 -17.85
N PRO A 180 15.96 2.12 -18.15
CA PRO A 180 15.60 2.47 -19.51
C PRO A 180 16.33 3.74 -19.93
N VAL A 181 16.92 3.69 -21.12
CA VAL A 181 17.68 4.81 -21.65
C VAL A 181 17.59 4.76 -23.16
N GLY A 182 18.05 5.80 -23.86
CA GLY A 182 17.97 5.79 -25.32
C GLY A 182 16.73 6.48 -25.86
N ALA A 183 16.55 6.44 -27.18
CA ALA A 183 15.48 7.19 -27.78
C ALA A 183 15.22 6.69 -29.18
N HIS A 184 14.03 7.02 -29.69
CA HIS A 184 13.61 6.61 -31.02
C HIS A 184 14.70 6.98 -32.01
N PRO A 185 15.07 6.04 -32.88
CA PRO A 185 16.15 6.26 -33.83
C PRO A 185 15.97 7.48 -34.71
N SER A 186 14.74 7.99 -34.78
CA SER A 186 14.44 9.15 -35.60
C SER A 186 15.09 10.42 -35.09
N GLY A 187 15.49 10.38 -33.82
CA GLY A 187 16.03 11.54 -33.12
C GLY A 187 14.94 12.56 -32.84
N ASP A 188 13.69 12.14 -33.07
CA ASP A 188 12.52 13.00 -32.88
C ASP A 188 11.65 12.73 -31.68
N MET A 189 11.94 11.64 -30.97
CA MET A 189 11.26 11.33 -29.73
C MET A 189 12.35 10.92 -28.76
N GLY A 190 12.18 11.26 -27.50
CA GLY A 190 13.16 10.88 -26.51
C GLY A 190 12.69 11.33 -25.15
N GLU A 191 13.52 11.07 -24.15
CA GLU A 191 13.24 11.48 -22.78
C GLU A 191 13.34 12.98 -22.63
N ASP A 192 12.32 13.55 -21.98
CA ASP A 192 12.28 14.98 -21.82
C ASP A 192 11.93 15.43 -20.40
N PRO A 193 12.93 15.29 -19.53
CA PRO A 193 12.79 15.66 -18.13
C PRO A 193 12.72 17.16 -17.92
N GLN A 194 11.95 17.51 -16.90
CA GLN A 194 11.70 18.85 -16.49
C GLN A 194 12.56 19.21 -15.28
N GLY A 195 13.39 20.22 -15.46
CA GLY A 195 14.28 20.68 -14.41
C GLY A 195 15.58 19.90 -14.41
N ILE A 196 16.18 19.82 -13.21
CA ILE A 196 17.41 19.06 -13.08
C ILE A 196 17.07 17.59 -13.23
N PRO A 197 17.66 16.95 -14.22
CA PRO A 197 17.37 15.55 -14.44
C PRO A 197 17.88 14.68 -13.30
N ASN A 198 17.01 13.84 -12.76
CA ASN A 198 17.43 12.94 -11.70
C ASN A 198 18.29 11.80 -12.21
N ASN A 199 17.97 11.34 -13.42
CA ASN A 199 18.63 10.17 -13.93
C ASN A 199 19.93 10.42 -14.64
N LEU A 200 20.69 9.34 -14.76
CA LEU A 200 22.02 9.39 -15.33
C LEU A 200 22.07 9.90 -16.76
N MET A 201 21.59 9.08 -17.70
CA MET A 201 21.66 9.41 -19.11
C MET A 201 21.26 10.84 -19.43
N PRO A 202 20.05 11.21 -19.01
CA PRO A 202 19.53 12.53 -19.24
C PRO A 202 20.46 13.60 -18.69
N TYR A 203 21.07 13.32 -17.54
CA TYR A 203 21.96 14.28 -16.91
C TYR A 203 23.16 14.60 -17.79
N ILE A 204 23.75 13.55 -18.31
CA ILE A 204 24.88 13.61 -19.22
C ILE A 204 24.54 14.34 -20.50
N ALA A 205 23.33 14.06 -21.02
CA ALA A 205 22.91 14.62 -22.27
C ALA A 205 22.81 16.14 -22.20
N GLN A 206 22.23 16.60 -21.12
CA GLN A 206 22.16 18.03 -20.89
C GLN A 206 23.55 18.64 -20.67
N VAL A 207 24.43 17.93 -19.98
CA VAL A 207 25.78 18.39 -19.87
C VAL A 207 26.35 18.64 -21.27
N ALA A 208 26.34 17.59 -22.09
CA ALA A 208 26.82 17.62 -23.47
C ALA A 208 26.20 18.64 -24.43
N VAL A 209 24.93 19.00 -24.27
CA VAL A 209 24.40 20.02 -25.16
C VAL A 209 24.56 21.37 -24.48
N GLY A 210 25.16 21.31 -23.30
CA GLY A 210 25.43 22.48 -22.50
C GLY A 210 24.30 22.97 -21.59
N ARG A 211 23.42 22.10 -21.12
CA ARG A 211 22.37 22.54 -20.22
C ARG A 211 22.83 22.52 -18.77
N ARG A 212 23.95 21.83 -18.58
CA ARG A 212 24.55 21.61 -17.28
C ARG A 212 26.05 21.66 -17.31
N ASP A 213 26.61 22.14 -16.20
CA ASP A 213 28.05 22.35 -16.05
C ASP A 213 28.89 21.10 -16.11
N SER A 214 28.47 20.16 -15.28
CA SER A 214 29.22 18.95 -15.17
C SER A 214 28.35 17.90 -14.51
N LEU A 215 28.56 16.67 -14.97
CA LEU A 215 27.87 15.51 -14.44
C LEU A 215 28.42 15.21 -13.06
N ALA A 216 27.56 15.23 -12.04
CA ALA A 216 28.04 14.86 -10.74
C ALA A 216 27.89 13.35 -10.56
N ILE A 217 29.01 12.66 -10.38
CA ILE A 217 29.00 11.21 -10.20
C ILE A 217 28.85 10.85 -8.73
N PHE A 218 27.73 10.23 -8.36
CA PHE A 218 27.48 9.99 -6.95
C PHE A 218 28.24 8.81 -6.36
N GLY A 219 29.27 9.12 -5.57
CA GLY A 219 30.10 8.13 -4.93
C GLY A 219 31.15 7.53 -5.85
N ASN A 220 32.34 7.28 -5.33
CA ASN A 220 33.39 6.72 -6.17
C ASN A 220 34.12 5.55 -5.55
N ASP A 221 33.58 5.12 -4.43
CA ASP A 221 34.25 4.12 -3.64
C ASP A 221 33.39 2.90 -3.44
N TYR A 222 32.50 2.64 -4.40
CA TYR A 222 31.63 1.48 -4.34
C TYR A 222 32.47 0.24 -4.53
N PRO A 223 31.95 -0.87 -4.01
CA PRO A 223 32.61 -2.13 -4.18
C PRO A 223 32.47 -2.60 -5.62
N THR A 224 32.83 -1.74 -6.56
CA THR A 224 32.77 -2.15 -7.95
C THR A 224 34.13 -2.00 -8.61
N GLU A 225 34.26 -2.61 -9.77
CA GLU A 225 35.49 -2.53 -10.55
C GLU A 225 36.04 -1.13 -10.66
N ASP A 226 35.21 -0.16 -11.07
CA ASP A 226 35.72 1.21 -11.16
C ASP A 226 35.38 2.10 -9.98
N GLY A 227 34.61 1.54 -9.03
CA GLY A 227 34.20 2.25 -7.82
C GLY A 227 32.83 2.91 -7.95
N THR A 228 32.36 3.05 -9.18
CA THR A 228 31.08 3.68 -9.46
C THR A 228 29.92 2.70 -9.51
N GLY A 229 28.70 3.24 -9.43
CA GLY A 229 27.50 2.43 -9.48
C GLY A 229 27.35 1.60 -10.76
N VAL A 230 26.86 0.38 -10.59
CA VAL A 230 26.61 -0.51 -11.72
C VAL A 230 25.12 -0.80 -11.93
N ARG A 231 24.69 -0.75 -13.19
CA ARG A 231 23.31 -0.91 -13.55
C ARG A 231 23.11 -1.59 -14.91
N ASP A 232 21.92 -2.17 -15.05
CA ASP A 232 21.44 -2.81 -16.29
C ASP A 232 20.65 -1.81 -17.11
N TYR A 233 21.35 -1.14 -18.03
CA TYR A 233 20.76 -0.15 -18.91
C TYR A 233 20.06 -0.81 -20.08
N ILE A 234 18.83 -0.39 -20.37
CA ILE A 234 18.06 -0.96 -21.47
C ILE A 234 17.50 0.11 -22.39
N HIS A 235 17.64 -0.14 -23.69
CA HIS A 235 17.10 0.75 -24.71
C HIS A 235 15.58 0.78 -24.67
N VAL A 236 15.04 1.98 -24.59
CA VAL A 236 13.61 2.18 -24.54
C VAL A 236 12.85 1.57 -25.71
N MET A 237 13.49 1.39 -26.86
CA MET A 237 12.83 0.76 -27.98
C MET A 237 12.66 -0.73 -27.72
N ASP A 238 13.69 -1.33 -27.11
CA ASP A 238 13.64 -2.73 -26.70
C ASP A 238 12.56 -2.92 -25.64
N LEU A 239 12.49 -1.99 -24.71
CA LEU A 239 11.47 -2.03 -23.67
C LEU A 239 10.09 -1.95 -24.28
N ALA A 240 9.92 -0.99 -25.19
CA ALA A 240 8.68 -0.84 -25.93
C ALA A 240 8.26 -2.15 -26.58
N ASP A 241 9.21 -2.77 -27.31
CA ASP A 241 8.96 -4.03 -27.98
C ASP A 241 8.47 -5.11 -27.01
N GLY A 242 9.14 -5.20 -25.87
CA GLY A 242 8.77 -6.16 -24.85
C GLY A 242 7.33 -6.00 -24.39
N HIS A 243 6.81 -4.77 -24.44
CA HIS A 243 5.43 -4.54 -24.02
C HIS A 243 4.45 -5.05 -25.07
N VAL A 244 4.75 -4.79 -26.33
CA VAL A 244 3.81 -5.21 -27.36
C VAL A 244 3.69 -6.71 -27.34
N VAL A 245 4.85 -7.34 -27.22
CA VAL A 245 4.97 -8.78 -27.16
C VAL A 245 4.21 -9.32 -25.95
N ALA A 246 4.46 -8.75 -24.79
CA ALA A 246 3.77 -9.17 -23.59
C ALA A 246 2.27 -8.99 -23.73
N MET A 247 1.85 -7.83 -24.20
CA MET A 247 0.44 -7.58 -24.42
C MET A 247 -0.11 -8.58 -25.43
N GLU A 248 0.56 -8.72 -26.56
CA GLU A 248 0.00 -9.64 -27.52
C GLU A 248 -0.03 -11.06 -27.01
N LYS A 249 1.07 -11.47 -26.39
CA LYS A 249 1.21 -12.82 -25.90
C LYS A 249 0.41 -13.16 -24.63
N LEU A 250 0.25 -12.23 -23.68
CA LEU A 250 -0.41 -12.57 -22.43
C LEU A 250 -1.90 -12.29 -22.34
N ALA A 251 -2.43 -11.50 -23.26
CA ALA A 251 -3.83 -11.20 -23.16
C ALA A 251 -4.64 -12.49 -23.04
N ASN A 252 -5.58 -12.56 -22.11
CA ASN A 252 -6.46 -13.72 -22.04
C ASN A 252 -5.81 -15.00 -21.56
N LYS A 253 -4.60 -14.86 -21.00
CA LYS A 253 -3.85 -15.92 -20.36
C LYS A 253 -3.81 -15.67 -18.87
N PRO A 254 -4.75 -16.27 -18.16
CA PRO A 254 -4.91 -15.98 -16.74
C PRO A 254 -3.66 -16.22 -15.92
N GLY A 255 -3.50 -15.40 -14.88
CA GLY A 255 -2.36 -15.55 -14.02
C GLY A 255 -1.62 -14.23 -13.82
N VAL A 256 -0.67 -14.26 -12.89
CA VAL A 256 0.24 -13.15 -12.66
C VAL A 256 1.57 -13.49 -13.30
N HIS A 257 1.91 -12.77 -14.36
CA HIS A 257 3.10 -13.06 -15.12
C HIS A 257 4.19 -12.03 -14.84
N ILE A 258 5.26 -12.47 -14.17
CA ILE A 258 6.33 -11.59 -13.76
C ILE A 258 7.58 -11.65 -14.64
N TYR A 259 8.08 -10.49 -15.09
CA TYR A 259 9.26 -10.53 -15.90
C TYR A 259 10.16 -9.33 -15.73
N ASN A 260 11.43 -9.63 -15.57
CA ASN A 260 12.47 -8.62 -15.55
C ASN A 260 12.68 -8.23 -17.00
N LEU A 261 12.57 -6.94 -17.28
CA LEU A 261 12.86 -6.50 -18.63
C LEU A 261 14.16 -5.74 -18.61
N GLY A 262 15.29 -6.42 -18.90
CA GLY A 262 16.59 -5.77 -18.87
C GLY A 262 17.57 -6.41 -19.85
N ALA A 263 18.75 -5.82 -19.96
CA ALA A 263 19.72 -6.38 -20.88
C ALA A 263 20.34 -7.62 -20.29
N GLY A 264 20.46 -7.59 -18.96
CA GLY A 264 21.06 -8.69 -18.24
C GLY A 264 22.58 -8.56 -18.19
N VAL A 265 23.00 -7.30 -18.08
CA VAL A 265 24.39 -6.95 -17.93
C VAL A 265 24.47 -5.62 -17.20
N GLY A 266 25.57 -5.45 -16.48
CA GLY A 266 25.84 -4.25 -15.73
C GLY A 266 26.85 -3.37 -16.43
N ASN A 267 26.68 -2.08 -16.23
CA ASN A 267 27.58 -1.08 -16.73
C ASN A 267 27.70 -0.01 -15.68
N SER A 268 28.90 0.48 -15.47
CA SER A 268 29.07 1.52 -14.47
C SER A 268 28.76 2.89 -15.05
N VAL A 269 28.70 3.86 -14.18
CA VAL A 269 28.44 5.24 -14.53
C VAL A 269 29.49 5.77 -15.49
N LEU A 270 30.71 5.27 -15.31
CA LEU A 270 31.83 5.73 -16.12
C LEU A 270 31.77 5.16 -17.50
N ASP A 271 31.38 3.89 -17.57
CA ASP A 271 31.21 3.20 -18.84
C ASP A 271 30.13 3.91 -19.62
N VAL A 272 29.12 4.31 -18.87
CA VAL A 272 28.05 5.05 -19.48
C VAL A 272 28.61 6.35 -20.03
N VAL A 273 29.38 7.06 -19.21
CA VAL A 273 30.00 8.33 -19.59
C VAL A 273 30.94 8.20 -20.78
N ASN A 274 31.65 7.09 -20.84
CA ASN A 274 32.54 6.84 -21.95
C ASN A 274 31.79 6.63 -23.24
N ALA A 275 30.67 5.93 -23.13
CA ALA A 275 29.90 5.67 -24.32
C ALA A 275 29.39 6.97 -24.92
N PHE A 276 28.95 7.85 -24.01
CA PHE A 276 28.39 9.16 -24.33
C PHE A 276 29.38 10.07 -25.01
N SER A 277 30.54 10.24 -24.35
CA SER A 277 31.69 10.94 -24.88
C SER A 277 32.01 10.40 -26.24
N LYS A 278 31.80 9.08 -26.38
CA LYS A 278 32.02 8.43 -27.65
C LYS A 278 30.95 8.76 -28.67
N ALA A 279 29.69 8.79 -28.25
CA ALA A 279 28.59 9.12 -29.17
C ALA A 279 28.60 10.59 -29.60
N CYS A 280 29.01 11.48 -28.70
CA CYS A 280 29.03 12.91 -28.95
C CYS A 280 30.33 13.56 -29.43
N GLY A 281 31.40 12.79 -29.61
CA GLY A 281 32.70 13.24 -30.11
C GLY A 281 33.44 14.25 -29.22
N LYS A 282 33.10 14.25 -27.94
CA LYS A 282 33.72 15.18 -27.02
C LYS A 282 33.47 14.74 -25.58
N PRO A 283 34.55 14.59 -24.82
CA PRO A 283 34.47 14.15 -23.44
C PRO A 283 33.46 14.94 -22.62
N VAL A 284 32.74 14.20 -21.77
CA VAL A 284 31.69 14.72 -20.92
C VAL A 284 32.24 15.18 -19.57
N ASN A 285 31.72 16.30 -19.06
CA ASN A 285 32.16 16.87 -17.81
C ASN A 285 31.45 16.34 -16.58
N TYR A 286 32.29 15.85 -15.69
CA TYR A 286 31.83 15.29 -14.45
C TYR A 286 32.87 15.51 -13.39
N HIS A 287 32.35 15.47 -12.19
CA HIS A 287 33.12 15.55 -10.98
C HIS A 287 32.51 14.54 -10.04
N PHE A 288 33.32 14.09 -9.09
CA PHE A 288 32.87 13.14 -8.10
C PHE A 288 32.19 13.85 -6.93
N ALA A 289 30.96 13.41 -6.69
CA ALA A 289 30.19 13.89 -5.56
C ALA A 289 29.97 12.71 -4.64
N PRO A 290 29.48 12.98 -3.45
CA PRO A 290 29.18 11.92 -2.50
C PRO A 290 28.09 10.96 -3.00
N ARG A 291 28.07 9.77 -2.39
CA ARG A 291 27.08 8.76 -2.71
C ARG A 291 25.68 9.32 -2.58
N ARG A 292 24.81 8.88 -3.48
CA ARG A 292 23.43 9.31 -3.39
C ARG A 292 22.62 8.40 -2.46
N GLU A 293 21.83 9.05 -1.60
CA GLU A 293 21.00 8.41 -0.61
C GLU A 293 20.19 7.26 -1.18
N GLY A 294 20.41 6.08 -0.60
CA GLY A 294 19.70 4.90 -1.03
C GLY A 294 20.30 4.23 -2.28
N ASP A 295 21.29 4.83 -2.92
CA ASP A 295 21.85 4.12 -4.06
C ASP A 295 22.48 2.80 -3.67
N LEU A 296 22.17 1.76 -4.43
CA LEU A 296 22.82 0.46 -4.29
C LEU A 296 24.06 0.49 -5.18
N PRO A 297 25.04 -0.35 -4.86
CA PRO A 297 26.29 -0.37 -5.59
C PRO A 297 26.16 -0.87 -7.01
N ALA A 298 25.60 -2.06 -7.09
CA ALA A 298 25.47 -2.73 -8.34
C ALA A 298 24.41 -3.81 -8.32
N TYR A 299 23.72 -3.91 -9.46
CA TYR A 299 22.72 -4.92 -9.76
C TYR A 299 22.32 -4.84 -11.22
N TRP A 300 21.81 -5.94 -11.71
CA TRP A 300 21.30 -5.98 -13.05
C TRP A 300 20.33 -7.14 -13.14
N ALA A 301 19.69 -7.25 -14.31
CA ALA A 301 18.70 -8.27 -14.51
C ALA A 301 19.19 -9.59 -15.06
N ASP A 302 18.49 -10.62 -14.58
CA ASP A 302 18.41 -11.93 -15.19
C ASP A 302 17.09 -11.95 -15.95
N ALA A 303 17.19 -11.76 -17.27
CA ALA A 303 16.03 -11.67 -18.12
C ALA A 303 15.74 -12.91 -18.95
N SER A 304 16.29 -14.05 -18.50
CA SER A 304 16.11 -15.30 -19.23
C SER A 304 14.68 -15.80 -19.29
N LYS A 305 13.91 -15.51 -18.25
CA LYS A 305 12.53 -15.92 -18.27
C LYS A 305 11.80 -15.33 -19.48
N ALA A 306 11.93 -14.02 -19.70
CA ALA A 306 11.21 -13.38 -20.78
C ALA A 306 11.66 -13.95 -22.10
N ASP A 307 12.94 -14.23 -22.14
CA ASP A 307 13.51 -14.78 -23.35
C ASP A 307 12.86 -16.11 -23.67
N ARG A 308 12.85 -16.97 -22.64
CA ARG A 308 12.29 -18.31 -22.74
C ARG A 308 10.82 -18.23 -23.08
N GLU A 309 10.13 -17.47 -22.25
CA GLU A 309 8.70 -17.33 -22.30
C GLU A 309 8.15 -16.43 -23.40
N LEU A 310 8.72 -15.25 -23.60
CA LEU A 310 8.16 -14.34 -24.59
C LEU A 310 8.92 -14.36 -25.90
N ASN A 311 10.06 -15.04 -25.88
CA ASN A 311 10.95 -15.03 -27.01
C ASN A 311 11.42 -13.60 -27.21
N TRP A 312 11.69 -12.93 -26.10
CA TRP A 312 12.09 -11.54 -26.20
C TRP A 312 13.44 -11.31 -25.56
N ARG A 313 14.20 -10.42 -26.16
CA ARG A 313 15.45 -10.03 -25.55
C ARG A 313 15.91 -8.72 -26.15
N VAL A 314 16.90 -8.12 -25.52
CA VAL A 314 17.40 -6.86 -26.06
C VAL A 314 18.23 -7.05 -27.32
N THR A 315 18.27 -5.99 -28.12
CA THR A 315 18.99 -6.00 -29.39
C THR A 315 19.85 -4.76 -29.63
N ARG A 316 19.55 -3.66 -28.93
CA ARG A 316 20.36 -2.47 -29.01
C ARG A 316 21.47 -2.48 -27.96
N THR A 317 22.68 -2.09 -28.35
CA THR A 317 23.81 -2.01 -27.43
C THR A 317 23.78 -0.73 -26.62
N LEU A 318 24.72 -0.64 -25.68
CA LEU A 318 24.85 0.56 -24.85
C LEU A 318 25.17 1.73 -25.74
N ASP A 319 26.00 1.44 -26.76
CA ASP A 319 26.44 2.41 -27.74
C ASP A 319 25.28 3.05 -28.47
N GLU A 320 24.37 2.20 -28.96
CA GLU A 320 23.19 2.74 -29.61
C GLU A 320 22.33 3.51 -28.62
N MET A 321 22.23 3.00 -27.40
CA MET A 321 21.48 3.72 -26.39
C MET A 321 22.01 5.14 -26.28
N ALA A 322 23.34 5.25 -26.33
CA ALA A 322 23.97 6.56 -26.21
C ALA A 322 23.90 7.36 -27.49
N GLN A 323 24.18 6.70 -28.61
CA GLN A 323 24.09 7.39 -29.87
C GLN A 323 22.72 8.01 -30.01
N ASP A 324 21.71 7.18 -29.78
CA ASP A 324 20.31 7.56 -29.95
C ASP A 324 19.88 8.66 -29.02
N THR A 325 20.45 8.64 -27.83
CA THR A 325 20.12 9.69 -26.89
C THR A 325 20.69 11.02 -27.38
N TRP A 326 21.93 10.99 -27.84
CA TRP A 326 22.61 12.19 -28.32
C TRP A 326 21.91 12.79 -29.53
N HIS A 327 21.42 11.88 -30.39
CA HIS A 327 20.69 12.25 -31.59
C HIS A 327 19.43 13.05 -31.24
N TRP A 328 18.72 12.57 -30.23
CA TRP A 328 17.52 13.25 -29.77
C TRP A 328 17.87 14.56 -29.11
N GLN A 329 18.84 14.48 -28.22
CA GLN A 329 19.19 15.64 -27.44
C GLN A 329 19.72 16.74 -28.33
N SER A 330 20.55 16.35 -29.29
CA SER A 330 21.08 17.39 -30.16
C SER A 330 20.03 17.96 -31.10
N ARG A 331 19.13 17.14 -31.66
CA ARG A 331 18.12 17.72 -32.53
C ARG A 331 17.18 18.63 -31.76
N HIS A 332 17.01 18.32 -30.47
CA HIS A 332 16.05 19.03 -29.63
C HIS A 332 16.54 19.41 -28.23
N PRO A 333 17.59 20.24 -28.19
CA PRO A 333 18.26 20.66 -26.96
C PRO A 333 17.38 20.91 -25.76
N GLN A 334 16.22 21.54 -25.96
CA GLN A 334 15.30 21.77 -24.86
C GLN A 334 14.13 20.79 -24.84
N GLY A 335 14.22 19.68 -25.57
CA GLY A 335 13.13 18.73 -25.62
C GLY A 335 11.93 19.20 -26.46
N TYR A 336 10.75 18.74 -26.08
CA TYR A 336 9.50 19.05 -26.76
C TYR A 336 9.01 20.47 -26.49
N PRO A 337 8.32 21.04 -27.49
CA PRO A 337 7.80 22.39 -27.42
C PRO A 337 6.56 22.52 -26.57
N ASP A 338 6.33 23.76 -26.15
CA ASP A 338 5.13 24.10 -25.46
C ASP A 338 4.09 24.35 -26.55
N MET B 1 -8.85 17.95 24.68
CA MET B 1 -8.50 17.99 23.28
C MET B 1 -9.76 17.80 22.44
N ARG B 2 -9.68 18.24 21.18
CA ARG B 2 -10.72 18.12 20.19
C ARG B 2 -10.38 16.97 19.24
N VAL B 3 -11.05 15.85 19.48
CA VAL B 3 -10.74 14.60 18.85
C VAL B 3 -11.77 14.10 17.83
N LEU B 4 -11.24 13.86 16.62
CA LEU B 4 -11.93 13.16 15.55
C LEU B 4 -11.69 11.67 15.71
N VAL B 5 -12.76 10.95 16.00
CA VAL B 5 -12.63 9.51 16.12
C VAL B 5 -13.33 8.85 14.94
N THR B 6 -12.57 8.42 13.93
CA THR B 6 -13.20 7.71 12.84
C THR B 6 -13.55 6.31 13.31
N GLY B 7 -14.66 5.76 12.81
CA GLY B 7 -15.11 4.42 13.19
C GLY B 7 -15.57 4.41 14.65
N GLY B 8 -15.89 5.60 15.12
CA GLY B 8 -16.27 5.85 16.49
C GLY B 8 -17.55 5.15 16.94
N SER B 9 -18.43 4.78 16.00
CA SER B 9 -19.63 4.04 16.38
C SER B 9 -19.41 2.53 16.46
N GLY B 10 -18.24 2.08 16.05
CA GLY B 10 -17.95 0.66 16.08
C GLY B 10 -17.59 0.18 17.48
N TYR B 11 -17.15 -1.08 17.53
CA TYR B 11 -16.93 -1.73 18.80
C TYR B 11 -15.89 -1.01 19.62
N ILE B 12 -14.64 -1.00 19.13
CA ILE B 12 -13.55 -0.46 19.91
C ILE B 12 -13.71 1.04 20.10
N GLY B 13 -14.05 1.71 18.98
CA GLY B 13 -14.18 3.15 18.91
C GLY B 13 -15.28 3.64 19.84
N SER B 14 -16.39 2.88 19.89
CA SER B 14 -17.46 3.31 20.78
C SER B 14 -16.99 3.39 22.24
N HIS B 15 -16.35 2.31 22.67
CA HIS B 15 -15.81 2.20 24.01
C HIS B 15 -14.76 3.26 24.30
N THR B 16 -13.95 3.56 23.28
CA THR B 16 -12.96 4.60 23.38
C THR B 16 -13.58 5.97 23.56
N CYS B 17 -14.64 6.26 22.81
CA CYS B 17 -15.32 7.54 22.94
C CYS B 17 -15.84 7.79 24.36
N VAL B 18 -16.31 6.73 25.00
CA VAL B 18 -16.90 6.84 26.32
C VAL B 18 -15.82 7.26 27.27
N GLN B 19 -14.65 6.68 27.04
CA GLN B 19 -13.59 6.97 27.98
C GLN B 19 -13.09 8.38 27.76
N LEU B 20 -13.04 8.82 26.50
CA LEU B 20 -12.55 10.15 26.16
C LEU B 20 -13.47 11.23 26.72
N LEU B 21 -14.77 10.98 26.57
CA LEU B 21 -15.76 11.88 27.09
C LEU B 21 -15.63 11.94 28.60
N GLN B 22 -15.33 10.80 29.24
CA GLN B 22 -15.14 10.78 30.69
C GLN B 22 -13.99 11.64 31.20
N ASN B 23 -13.04 11.88 30.30
CA ASN B 23 -11.93 12.75 30.59
C ASN B 23 -12.19 14.20 30.21
N GLY B 24 -13.38 14.46 29.64
CA GLY B 24 -13.79 15.79 29.25
C GLY B 24 -13.30 16.32 27.90
N HIS B 25 -12.74 15.46 27.05
CA HIS B 25 -12.34 15.88 25.72
C HIS B 25 -13.54 16.17 24.83
N ASP B 26 -13.30 16.91 23.75
CA ASP B 26 -14.35 17.17 22.78
C ASP B 26 -14.25 16.15 21.68
N VAL B 27 -15.31 15.37 21.51
CA VAL B 27 -15.22 14.27 20.58
C VAL B 27 -16.11 14.45 19.38
N ILE B 28 -15.56 14.19 18.20
CA ILE B 28 -16.35 14.18 16.99
C ILE B 28 -16.17 12.79 16.38
N ILE B 29 -17.30 12.10 16.21
CA ILE B 29 -17.33 10.77 15.62
C ILE B 29 -17.66 10.88 14.15
N LEU B 30 -16.86 10.19 13.34
CA LEU B 30 -17.09 10.07 11.91
C LEU B 30 -17.22 8.57 11.60
N ASP B 31 -18.34 8.17 11.00
CA ASP B 31 -18.56 6.75 10.72
C ASP B 31 -19.57 6.58 9.58
N ASN B 32 -19.22 5.71 8.62
CA ASN B 32 -20.10 5.50 7.49
C ASN B 32 -21.21 4.51 7.81
N LEU B 33 -21.20 3.99 9.03
CA LEU B 33 -22.23 3.10 9.51
C LEU B 33 -22.31 1.82 8.70
N CYS B 34 -21.20 1.42 8.10
CA CYS B 34 -21.23 0.18 7.34
C CYS B 34 -21.24 -1.06 8.24
N ASN B 35 -20.86 -0.90 9.51
CA ASN B 35 -20.77 -2.04 10.42
C ASN B 35 -21.19 -1.64 11.82
N SER B 36 -22.00 -0.60 11.88
CA SER B 36 -22.48 -0.05 13.13
C SER B 36 -23.86 0.57 12.98
N LYS B 37 -24.50 0.88 14.11
CA LYS B 37 -25.84 1.45 14.12
C LYS B 37 -25.90 2.72 14.95
N ARG B 38 -26.74 3.65 14.48
CA ARG B 38 -26.94 4.94 15.10
C ARG B 38 -27.34 4.82 16.56
N SER B 39 -27.98 3.69 16.90
CA SER B 39 -28.53 3.46 18.23
C SER B 39 -27.47 3.43 19.33
N VAL B 40 -26.22 3.19 18.90
CA VAL B 40 -25.11 3.18 19.83
C VAL B 40 -24.82 4.58 20.31
N LEU B 41 -25.17 5.59 19.52
CA LEU B 41 -24.82 6.97 19.84
C LEU B 41 -25.27 7.47 21.20
N PRO B 42 -26.54 7.27 21.50
CA PRO B 42 -27.09 7.76 22.74
C PRO B 42 -26.47 7.10 23.96
N VAL B 43 -26.08 5.83 23.80
CA VAL B 43 -25.44 5.08 24.87
C VAL B 43 -24.06 5.65 25.17
N ILE B 44 -23.36 5.99 24.09
CA ILE B 44 -22.06 6.61 24.18
C ILE B 44 -22.15 7.88 25.01
N GLU B 45 -23.05 8.75 24.59
CA GLU B 45 -23.29 10.00 25.30
C GLU B 45 -23.72 9.75 26.74
N ARG B 46 -24.62 8.79 26.94
CA ARG B 46 -25.05 8.46 28.28
C ARG B 46 -23.88 7.97 29.13
N LEU B 47 -23.21 6.95 28.63
CA LEU B 47 -22.11 6.38 29.37
C LEU B 47 -20.94 7.33 29.54
N GLY B 48 -20.70 8.17 28.53
CA GLY B 48 -19.61 9.14 28.50
C GLY B 48 -19.89 10.39 29.33
N GLY B 49 -21.15 10.69 29.57
CA GLY B 49 -21.49 11.82 30.39
C GLY B 49 -21.31 13.15 29.68
N LYS B 50 -21.18 13.07 28.36
CA LYS B 50 -21.05 14.25 27.55
C LYS B 50 -21.49 13.89 26.13
N HIS B 51 -22.07 14.84 25.43
CA HIS B 51 -22.49 14.60 24.06
C HIS B 51 -21.36 14.65 23.04
N PRO B 52 -21.26 13.58 22.23
CA PRO B 52 -20.29 13.54 21.16
C PRO B 52 -20.94 14.11 19.90
N THR B 53 -20.16 14.78 19.06
CA THR B 53 -20.69 15.21 17.78
C THR B 53 -20.54 14.06 16.77
N PHE B 54 -21.62 13.77 16.05
CA PHE B 54 -21.59 12.70 15.06
C PHE B 54 -21.71 13.21 13.63
N VAL B 55 -20.92 12.63 12.75
CA VAL B 55 -21.01 12.94 11.34
C VAL B 55 -21.01 11.66 10.55
N GLU B 56 -22.08 11.43 9.79
CA GLU B 56 -22.22 10.23 8.97
C GLU B 56 -21.49 10.45 7.65
N GLY B 57 -20.48 9.65 7.37
CA GLY B 57 -19.72 9.88 6.16
C GLY B 57 -18.60 8.87 6.00
N ASP B 58 -17.76 9.08 4.99
CA ASP B 58 -16.72 8.13 4.68
C ASP B 58 -15.33 8.75 4.66
N ILE B 59 -14.40 8.03 5.29
CA ILE B 59 -13.01 8.45 5.32
C ILE B 59 -12.42 8.59 3.92
N ARG B 60 -12.97 7.85 2.95
CA ARG B 60 -12.45 7.98 1.60
C ARG B 60 -12.80 9.32 0.98
N ASN B 61 -13.81 9.99 1.56
CA ASN B 61 -14.21 11.29 1.07
C ASN B 61 -13.32 12.39 1.64
N GLU B 62 -12.21 12.64 0.95
CA GLU B 62 -11.23 13.64 1.37
C GLU B 62 -11.74 15.06 1.63
N ALA B 63 -12.66 15.57 0.81
CA ALA B 63 -13.21 16.90 1.00
C ALA B 63 -14.01 16.98 2.30
N LEU B 64 -14.74 15.90 2.57
CA LEU B 64 -15.49 15.87 3.80
C LEU B 64 -14.55 15.78 4.99
N MET B 65 -13.52 14.94 4.91
CA MET B 65 -12.61 14.84 6.03
C MET B 65 -12.02 16.21 6.32
N THR B 66 -11.66 16.91 5.26
CA THR B 66 -11.05 18.23 5.40
C THR B 66 -12.01 19.22 6.07
N GLU B 67 -13.22 19.22 5.57
CA GLU B 67 -14.22 20.11 6.12
C GLU B 67 -14.39 19.85 7.59
N ILE B 68 -14.46 18.57 7.97
CA ILE B 68 -14.61 18.20 9.37
C ILE B 68 -13.43 18.63 10.24
N LEU B 69 -12.22 18.24 9.83
CA LEU B 69 -11.07 18.64 10.62
C LEU B 69 -11.00 20.14 10.82
N HIS B 70 -11.38 20.87 9.76
CA HIS B 70 -11.25 22.32 9.75
C HIS B 70 -12.33 23.02 10.58
N ASP B 71 -13.56 22.82 10.20
CA ASP B 71 -14.65 23.50 10.86
C ASP B 71 -14.77 23.12 12.32
N HIS B 72 -14.33 21.89 12.63
CA HIS B 72 -14.35 21.38 14.00
C HIS B 72 -13.14 21.75 14.84
N ALA B 73 -12.09 22.26 14.20
CA ALA B 73 -10.87 22.65 14.89
C ALA B 73 -10.24 21.48 15.62
N ILE B 74 -10.26 20.34 14.96
CA ILE B 74 -9.74 19.10 15.53
C ILE B 74 -8.24 19.19 15.70
N ASP B 75 -7.71 18.67 16.80
CA ASP B 75 -6.27 18.69 17.03
C ASP B 75 -5.56 17.34 17.04
N THR B 76 -6.35 16.26 17.05
CA THR B 76 -5.85 14.90 17.11
C THR B 76 -6.83 13.92 16.51
N VAL B 77 -6.35 12.93 15.77
CA VAL B 77 -7.27 12.00 15.17
C VAL B 77 -7.04 10.59 15.68
N ILE B 78 -8.13 9.88 16.01
CA ILE B 78 -8.06 8.46 16.33
C ILE B 78 -8.80 7.67 15.25
N HIS B 79 -8.04 6.86 14.51
CA HIS B 79 -8.48 6.22 13.28
C HIS B 79 -8.77 4.73 13.43
N PHE B 80 -10.02 4.41 13.76
CA PHE B 80 -10.50 3.03 13.90
C PHE B 80 -11.16 2.48 12.63
N ALA B 81 -11.69 3.39 11.80
CA ALA B 81 -12.46 3.06 10.61
C ALA B 81 -11.70 2.21 9.63
N GLY B 82 -12.42 1.23 9.11
CA GLY B 82 -11.90 0.30 8.15
C GLY B 82 -12.67 -1.02 8.20
N LEU B 83 -12.38 -1.86 7.22
CA LEU B 83 -12.93 -3.20 7.15
C LEU B 83 -11.96 -4.15 7.83
N LYS B 84 -12.47 -5.24 8.42
CA LYS B 84 -11.57 -6.10 9.17
C LYS B 84 -11.87 -7.57 9.14
N ALA B 85 -12.76 -8.01 8.25
CA ALA B 85 -13.06 -9.44 8.12
C ALA B 85 -12.00 -10.11 7.25
N VAL B 86 -11.12 -10.88 7.87
CA VAL B 86 -10.00 -11.52 7.17
C VAL B 86 -10.38 -12.33 5.95
N GLY B 87 -11.26 -13.32 6.15
CA GLY B 87 -11.71 -14.20 5.07
C GLY B 87 -12.27 -13.47 3.85
N GLU B 88 -13.16 -12.51 4.08
CA GLU B 88 -13.73 -11.72 3.01
C GLU B 88 -12.68 -10.91 2.30
N SER B 89 -11.65 -10.50 3.06
CA SER B 89 -10.59 -9.68 2.46
C SER B 89 -9.93 -10.44 1.35
N VAL B 90 -9.90 -11.75 1.52
CA VAL B 90 -9.28 -12.57 0.50
C VAL B 90 -10.15 -12.62 -0.76
N GLN B 91 -11.45 -12.55 -0.57
CA GLN B 91 -12.39 -12.61 -1.66
C GLN B 91 -12.62 -11.26 -2.31
N LYS B 92 -12.42 -10.22 -1.53
CA LYS B 92 -12.66 -8.87 -2.00
C LYS B 92 -11.51 -7.97 -1.65
N PRO B 93 -10.36 -8.28 -2.23
CA PRO B 93 -9.19 -7.51 -1.94
C PRO B 93 -9.34 -6.02 -2.25
N LEU B 94 -9.97 -5.63 -3.35
CA LEU B 94 -9.94 -4.21 -3.67
C LEU B 94 -10.61 -3.31 -2.64
N GLU B 95 -11.74 -3.80 -2.14
CA GLU B 95 -12.56 -3.06 -1.22
C GLU B 95 -11.72 -2.83 0.02
N TYR B 96 -10.92 -3.85 0.34
CA TYR B 96 -10.02 -3.79 1.49
C TYR B 96 -8.98 -2.70 1.33
N TYR B 97 -8.24 -2.75 0.23
CA TYR B 97 -7.21 -1.77 -0.05
C TYR B 97 -7.77 -0.35 -0.16
N ASP B 98 -8.95 -0.23 -0.75
CA ASP B 98 -9.63 1.04 -0.87
C ASP B 98 -10.01 1.63 0.49
N ASN B 99 -10.71 0.85 1.31
CA ASN B 99 -11.13 1.38 2.60
C ASN B 99 -9.97 1.56 3.55
N ASN B 100 -9.02 0.64 3.50
CA ASN B 100 -7.96 0.67 4.48
C ASN B 100 -6.80 1.51 4.02
N VAL B 101 -6.23 1.13 2.90
CA VAL B 101 -5.08 1.89 2.46
C VAL B 101 -5.48 3.26 1.96
N ASN B 102 -6.34 3.33 0.97
CA ASN B 102 -6.73 4.63 0.46
C ASN B 102 -7.54 5.41 1.46
N GLY B 103 -8.41 4.72 2.19
CA GLY B 103 -9.24 5.41 3.17
C GLY B 103 -8.34 6.18 4.13
N THR B 104 -7.28 5.53 4.59
CA THR B 104 -6.33 6.18 5.47
C THR B 104 -5.58 7.27 4.75
N LEU B 105 -5.18 7.01 3.50
CA LEU B 105 -4.48 8.02 2.71
C LEU B 105 -5.30 9.28 2.60
N ARG B 106 -6.59 9.10 2.29
CA ARG B 106 -7.45 10.27 2.12
C ARG B 106 -7.51 11.04 3.42
N LEU B 107 -7.64 10.27 4.48
CA LEU B 107 -7.73 10.83 5.82
C LEU B 107 -6.50 11.62 6.21
N ILE B 108 -5.30 11.08 6.00
CA ILE B 108 -4.11 11.84 6.37
C ILE B 108 -3.86 13.01 5.42
N SER B 109 -4.34 12.88 4.19
CA SER B 109 -4.14 13.94 3.22
C SER B 109 -4.97 15.14 3.65
N ALA B 110 -6.16 14.85 4.15
CA ALA B 110 -7.02 15.87 4.69
C ALA B 110 -6.40 16.50 5.91
N MET B 111 -5.79 15.68 6.76
CA MET B 111 -5.11 16.22 7.95
C MET B 111 -4.06 17.26 7.59
N ARG B 112 -3.23 16.93 6.61
CA ARG B 112 -2.20 17.83 6.14
C ARG B 112 -2.79 19.13 5.61
N ALA B 113 -3.92 19.02 4.92
CA ALA B 113 -4.57 20.20 4.36
C ALA B 113 -5.08 21.09 5.47
N ALA B 114 -5.63 20.45 6.49
CA ALA B 114 -6.21 21.17 7.62
C ALA B 114 -5.17 21.45 8.69
N ASN B 115 -3.94 20.99 8.47
CA ASN B 115 -2.86 21.21 9.40
C ASN B 115 -3.01 20.50 10.74
N VAL B 116 -3.57 19.30 10.75
CA VAL B 116 -3.69 18.50 11.96
C VAL B 116 -2.49 17.57 11.99
N LYS B 117 -1.83 17.38 13.14
CA LYS B 117 -0.58 16.63 13.11
C LYS B 117 -0.43 15.52 14.13
N ASN B 118 -1.53 15.22 14.84
CA ASN B 118 -1.61 14.12 15.79
C ASN B 118 -2.52 13.03 15.28
N PHE B 119 -1.96 11.81 15.23
CA PHE B 119 -2.67 10.66 14.74
C PHE B 119 -2.40 9.40 15.54
N ILE B 120 -3.46 8.62 15.69
CA ILE B 120 -3.41 7.29 16.29
C ILE B 120 -4.04 6.33 15.30
N PHE B 121 -3.30 5.29 14.90
CA PHE B 121 -3.79 4.29 13.98
C PHE B 121 -4.07 2.94 14.66
N SER B 122 -5.20 2.33 14.33
CA SER B 122 -5.51 0.99 14.77
C SER B 122 -4.78 -0.02 13.92
N SER B 123 -3.62 -0.45 14.42
CA SER B 123 -2.81 -1.46 13.76
C SER B 123 -3.19 -2.86 14.27
N SER B 124 -2.39 -3.84 13.89
CA SER B 124 -2.72 -5.22 14.20
C SER B 124 -1.49 -6.09 14.33
N ALA B 125 -1.61 -7.12 15.16
CA ALA B 125 -0.51 -8.08 15.32
C ALA B 125 -0.18 -8.84 14.05
N THR B 126 -1.01 -8.70 13.01
CA THR B 126 -0.79 -9.31 11.70
C THR B 126 0.45 -8.83 10.97
N VAL B 127 0.87 -7.59 11.26
CA VAL B 127 2.06 -7.00 10.66
C VAL B 127 3.30 -7.83 10.93
N TYR B 128 3.23 -8.57 12.04
CA TYR B 128 4.33 -9.43 12.42
C TYR B 128 4.56 -10.60 11.47
N GLY B 129 3.56 -10.90 10.64
CA GLY B 129 3.66 -12.00 9.71
C GLY B 129 3.77 -13.30 10.49
N ASP B 130 4.51 -14.26 9.92
CA ASP B 130 4.74 -15.51 10.61
C ASP B 130 6.02 -15.45 11.45
N GLN B 131 5.90 -14.89 12.65
CA GLN B 131 7.02 -14.70 13.56
C GLN B 131 7.12 -15.85 14.54
N PRO B 132 8.19 -16.64 14.45
CA PRO B 132 8.32 -17.78 15.32
C PRO B 132 8.68 -17.35 16.74
N LYS B 133 9.30 -16.17 16.88
CA LYS B 133 9.66 -15.59 18.17
C LYS B 133 8.45 -15.02 18.92
N ILE B 134 8.13 -15.66 20.04
CA ILE B 134 7.01 -15.31 20.90
C ILE B 134 7.38 -14.92 22.33
N PRO B 135 6.80 -13.85 22.89
CA PRO B 135 5.78 -13.03 22.25
C PRO B 135 6.37 -11.97 21.32
N TYR B 136 5.48 -11.26 20.67
CA TYR B 136 5.92 -10.23 19.74
C TYR B 136 6.40 -8.94 20.40
N VAL B 137 7.56 -8.49 19.94
CA VAL B 137 8.17 -7.25 20.36
C VAL B 137 8.16 -6.22 19.23
N GLU B 138 7.91 -4.96 19.61
CA GLU B 138 7.85 -3.88 18.66
C GLU B 138 9.13 -3.68 17.86
N SER B 139 10.24 -4.14 18.40
CA SER B 139 11.51 -4.02 17.69
C SER B 139 11.72 -5.04 16.58
N PHE B 140 10.97 -6.16 16.64
CA PHE B 140 11.05 -7.19 15.62
C PHE B 140 10.77 -6.59 14.25
N PRO B 141 11.49 -7.08 13.25
CA PRO B 141 11.17 -6.64 11.91
C PRO B 141 9.75 -7.07 11.54
N THR B 142 9.07 -6.29 10.72
CA THR B 142 7.75 -6.74 10.33
C THR B 142 7.86 -7.93 9.38
N GLY B 143 6.76 -8.68 9.26
CA GLY B 143 6.70 -9.81 8.36
C GLY B 143 5.81 -9.59 7.16
N THR B 144 5.36 -10.71 6.59
CA THR B 144 4.52 -10.73 5.42
C THR B 144 3.13 -11.22 5.77
N PRO B 145 2.20 -10.29 5.95
CA PRO B 145 0.84 -10.68 6.28
C PRO B 145 0.25 -11.53 5.16
N GLN B 146 -0.59 -12.49 5.55
CA GLN B 146 -1.13 -13.44 4.58
C GLN B 146 -2.39 -13.07 3.84
N SER B 147 -3.19 -12.16 4.41
CA SER B 147 -4.40 -11.68 3.81
C SER B 147 -4.29 -10.24 3.34
N PRO B 148 -5.25 -9.82 2.49
CA PRO B 148 -5.29 -8.43 2.07
C PRO B 148 -5.57 -7.57 3.28
N TYR B 149 -6.28 -8.15 4.25
CA TYR B 149 -6.51 -7.39 5.46
C TYR B 149 -5.20 -7.04 6.16
N GLY B 150 -4.42 -8.05 6.51
CA GLY B 150 -3.18 -7.80 7.19
C GLY B 150 -2.22 -6.94 6.38
N LYS B 151 -2.17 -7.19 5.07
CA LYS B 151 -1.30 -6.41 4.19
C LYS B 151 -1.65 -4.92 4.20
N SER B 152 -2.94 -4.62 4.18
CA SER B 152 -3.39 -3.24 4.17
C SER B 152 -2.93 -2.56 5.44
N LYS B 153 -2.99 -3.30 6.53
CA LYS B 153 -2.55 -2.74 7.79
C LYS B 153 -1.07 -2.40 7.73
N LEU B 154 -0.25 -3.35 7.29
CA LEU B 154 1.17 -3.11 7.18
C LEU B 154 1.48 -1.94 6.26
N MET B 155 0.85 -1.94 5.08
CA MET B 155 0.98 -0.87 4.12
C MET B 155 0.68 0.50 4.74
N VAL B 156 -0.41 0.60 5.50
CA VAL B 156 -0.71 1.84 6.18
C VAL B 156 0.41 2.23 7.14
N GLU B 157 0.95 1.26 7.86
CA GLU B 157 2.05 1.53 8.78
C GLU B 157 3.22 2.21 8.11
N GLN B 158 3.64 1.64 6.99
CA GLN B 158 4.78 2.16 6.25
C GLN B 158 4.53 3.52 5.59
N ILE B 159 3.30 3.70 5.12
CA ILE B 159 2.94 4.98 4.55
C ILE B 159 3.04 6.08 5.61
N LEU B 160 2.40 5.86 6.77
CA LEU B 160 2.43 6.79 7.88
C LEU B 160 3.85 7.09 8.34
N THR B 161 4.65 6.02 8.36
CA THR B 161 6.04 6.11 8.71
C THR B 161 6.78 7.03 7.74
N ASP B 162 6.52 6.89 6.45
CA ASP B 162 7.23 7.73 5.49
C ASP B 162 6.76 9.16 5.62
N LEU B 163 5.46 9.26 5.87
CA LEU B 163 4.89 10.56 6.04
C LEU B 163 5.58 11.31 7.17
N GLN B 164 5.82 10.61 8.28
CA GLN B 164 6.41 11.24 9.47
C GLN B 164 7.82 11.70 9.20
N LYS B 165 8.50 10.90 8.42
CA LYS B 165 9.86 11.22 8.03
C LYS B 165 9.90 12.53 7.24
N ALA B 166 8.97 12.67 6.30
CA ALA B 166 8.83 13.85 5.45
C ALA B 166 8.23 15.05 6.15
N GLN B 167 7.44 14.81 7.21
CA GLN B 167 6.80 15.84 8.00
C GLN B 167 7.03 15.59 9.50
N PRO B 168 8.30 15.62 9.87
CA PRO B 168 8.76 15.24 11.19
C PRO B 168 8.08 15.90 12.37
N ASP B 169 7.18 16.84 12.13
CA ASP B 169 6.45 17.44 13.23
C ASP B 169 5.24 16.62 13.65
N TRP B 170 4.88 15.64 12.83
CA TRP B 170 3.78 14.73 13.12
C TRP B 170 4.12 13.80 14.29
N SER B 171 3.11 13.51 15.13
CA SER B 171 3.14 12.52 16.18
C SER B 171 2.27 11.35 15.73
N ILE B 172 2.85 10.21 15.38
CA ILE B 172 2.09 9.06 14.92
C ILE B 172 2.21 7.80 15.80
N ALA B 173 1.08 7.38 16.36
CA ALA B 173 1.06 6.15 17.14
C ALA B 173 0.57 4.98 16.29
N LEU B 174 1.37 3.94 16.12
CA LEU B 174 0.91 2.72 15.49
C LEU B 174 0.61 1.73 16.61
N LEU B 175 -0.65 1.66 17.06
CA LEU B 175 -1.05 0.79 18.15
C LEU B 175 -1.48 -0.57 17.62
N ARG B 176 -0.64 -1.57 17.87
CA ARG B 176 -0.89 -2.89 17.33
C ARG B 176 -1.81 -3.70 18.23
N TYR B 177 -3.02 -3.94 17.75
CA TYR B 177 -3.95 -4.74 18.52
C TYR B 177 -3.74 -6.22 18.28
N PHE B 178 -4.11 -6.96 19.32
CA PHE B 178 -4.16 -8.40 19.34
C PHE B 178 -5.61 -8.90 19.27
N ASN B 179 -6.20 -9.31 20.39
CA ASN B 179 -7.55 -9.82 20.30
C ASN B 179 -8.51 -9.13 21.28
N PRO B 180 -9.10 -8.02 20.86
CA PRO B 180 -10.01 -7.31 21.74
C PRO B 180 -11.28 -8.10 22.06
N VAL B 181 -11.69 -8.07 23.33
CA VAL B 181 -12.89 -8.75 23.80
C VAL B 181 -13.46 -8.03 25.00
N GLY B 182 -14.63 -8.46 25.44
CA GLY B 182 -15.29 -7.83 26.57
C GLY B 182 -16.26 -6.73 26.15
N ALA B 183 -16.72 -5.94 27.13
CA ALA B 183 -17.68 -4.89 26.86
C ALA B 183 -17.82 -3.95 28.05
N HIS B 184 -18.46 -2.81 27.84
CA HIS B 184 -18.64 -1.88 28.93
C HIS B 184 -19.34 -2.61 30.08
N PRO B 185 -18.85 -2.40 31.31
CA PRO B 185 -19.35 -3.13 32.46
C PRO B 185 -20.81 -2.89 32.74
N SER B 186 -21.31 -1.81 32.17
CA SER B 186 -22.73 -1.52 32.25
C SER B 186 -23.53 -2.60 31.52
N GLY B 187 -22.88 -3.34 30.61
CA GLY B 187 -23.62 -4.34 29.88
C GLY B 187 -24.54 -3.65 28.90
N ASP B 188 -24.37 -2.33 28.79
CA ASP B 188 -25.16 -1.57 27.85
C ASP B 188 -24.44 -1.28 26.55
N MET B 189 -23.18 -1.70 26.48
CA MET B 189 -22.36 -1.48 25.30
C MET B 189 -21.50 -2.71 25.13
N GLY B 190 -21.21 -3.06 23.89
CA GLY B 190 -20.41 -4.24 23.61
C GLY B 190 -20.36 -4.49 22.12
N GLU B 191 -19.68 -5.57 21.74
CA GLU B 191 -19.54 -5.90 20.35
C GLU B 191 -20.88 -6.37 19.77
N ASP B 192 -21.10 -6.02 18.52
CA ASP B 192 -22.34 -6.37 17.85
C ASP B 192 -22.13 -6.68 16.37
N PRO B 193 -21.41 -7.78 16.10
CA PRO B 193 -21.17 -8.24 14.75
C PRO B 193 -22.46 -8.67 14.07
N GLN B 194 -22.57 -8.38 12.78
CA GLN B 194 -23.71 -8.75 11.98
C GLN B 194 -23.48 -10.12 11.32
N GLY B 195 -24.57 -10.85 11.04
CA GLY B 195 -24.43 -12.15 10.43
C GLY B 195 -23.75 -13.12 11.37
N ILE B 196 -22.99 -14.06 10.76
CA ILE B 196 -22.19 -15.05 11.47
C ILE B 196 -20.83 -14.50 11.89
N PRO B 197 -20.62 -14.39 13.21
CA PRO B 197 -19.42 -13.78 13.73
C PRO B 197 -18.15 -14.54 13.40
N ASN B 198 -17.13 -13.78 13.03
CA ASN B 198 -15.82 -14.33 12.70
C ASN B 198 -14.98 -14.62 13.93
N ASN B 199 -15.18 -13.83 14.98
CA ASN B 199 -14.36 -13.96 16.16
C ASN B 199 -14.90 -14.90 17.22
N LEU B 200 -13.98 -15.40 18.01
CA LEU B 200 -14.29 -16.41 19.00
C LEU B 200 -15.29 -15.97 20.05
N MET B 201 -15.02 -14.84 20.69
CA MET B 201 -15.82 -14.34 21.78
C MET B 201 -17.28 -14.13 21.43
N PRO B 202 -17.54 -13.38 20.37
CA PRO B 202 -18.92 -13.19 19.99
C PRO B 202 -19.62 -14.54 19.74
N TYR B 203 -18.93 -15.46 19.05
CA TYR B 203 -19.53 -16.74 18.76
C TYR B 203 -19.97 -17.46 20.04
N ILE B 204 -19.01 -17.60 20.96
CA ILE B 204 -19.25 -18.23 22.25
C ILE B 204 -20.46 -17.61 22.92
N ALA B 205 -20.48 -16.27 22.92
CA ALA B 205 -21.57 -15.53 23.53
C ALA B 205 -22.88 -15.81 22.84
N GLN B 206 -22.84 -16.01 21.52
CA GLN B 206 -24.05 -16.30 20.80
C GLN B 206 -24.51 -17.72 21.08
N VAL B 207 -23.54 -18.61 21.13
CA VAL B 207 -23.89 -19.96 21.53
C VAL B 207 -24.54 -19.85 22.90
N ALA B 208 -23.81 -19.24 23.83
CA ALA B 208 -24.31 -19.13 25.18
C ALA B 208 -25.68 -18.45 25.27
N VAL B 209 -25.98 -17.52 24.39
CA VAL B 209 -27.25 -16.85 24.46
C VAL B 209 -28.33 -17.54 23.65
N GLY B 210 -27.96 -18.69 23.09
CA GLY B 210 -28.90 -19.47 22.29
C GLY B 210 -29.09 -19.01 20.86
N ARG B 211 -28.17 -18.22 20.33
CA ARG B 211 -28.21 -17.74 18.95
C ARG B 211 -27.50 -18.68 17.97
N ARG B 212 -26.69 -19.56 18.53
CA ARG B 212 -25.90 -20.55 17.81
C ARG B 212 -25.94 -21.86 18.59
N ASP B 213 -25.90 -22.98 17.86
CA ASP B 213 -26.01 -24.31 18.45
C ASP B 213 -24.73 -24.75 19.18
N SER B 214 -23.61 -24.67 18.47
CA SER B 214 -22.34 -25.12 18.97
C SER B 214 -21.15 -24.37 18.39
N LEU B 215 -20.22 -24.02 19.26
CA LEU B 215 -19.01 -23.39 18.81
C LEU B 215 -18.07 -24.38 18.15
N ALA B 216 -17.58 -24.06 16.95
CA ALA B 216 -16.51 -24.81 16.35
C ALA B 216 -15.13 -24.29 16.74
N ILE B 217 -14.34 -25.13 17.37
CA ILE B 217 -12.98 -24.74 17.72
C ILE B 217 -12.11 -25.16 16.57
N PHE B 218 -11.46 -24.21 15.88
CA PHE B 218 -10.67 -24.59 14.72
C PHE B 218 -9.31 -25.19 15.04
N GLY B 219 -9.20 -26.51 14.81
CA GLY B 219 -7.98 -27.27 15.06
C GLY B 219 -7.81 -27.65 16.53
N ASN B 220 -7.47 -28.92 16.74
CA ASN B 220 -7.18 -29.57 18.01
C ASN B 220 -5.71 -30.02 18.04
N ASP B 221 -5.12 -29.96 16.85
CA ASP B 221 -3.79 -30.45 16.57
C ASP B 221 -2.65 -29.52 16.97
N TYR B 222 -2.95 -28.22 17.03
CA TYR B 222 -1.98 -27.18 17.30
C TYR B 222 -0.90 -27.56 18.31
N PRO B 223 0.33 -27.20 17.97
CA PRO B 223 1.48 -27.47 18.81
C PRO B 223 1.35 -26.81 20.18
N THR B 224 0.13 -26.60 20.62
CA THR B 224 -0.05 -25.97 21.91
C THR B 224 -0.21 -27.00 23.02
N GLU B 225 -0.42 -26.48 24.22
CA GLU B 225 -0.56 -27.30 25.42
C GLU B 225 -1.86 -28.07 25.48
N ASP B 226 -2.82 -27.63 24.66
CA ASP B 226 -4.13 -28.23 24.57
C ASP B 226 -4.48 -28.45 23.12
N GLY B 227 -3.53 -28.04 22.28
CA GLY B 227 -3.66 -28.24 20.85
C GLY B 227 -4.53 -27.17 20.21
N THR B 228 -5.25 -26.40 21.03
CA THR B 228 -6.06 -25.31 20.51
C THR B 228 -5.28 -24.01 20.39
N GLY B 229 -5.75 -23.14 19.48
CA GLY B 229 -5.13 -21.85 19.22
C GLY B 229 -4.96 -20.99 20.48
N VAL B 230 -3.76 -20.45 20.62
CA VAL B 230 -3.40 -19.54 21.70
C VAL B 230 -3.27 -18.09 21.23
N ARG B 231 -3.84 -17.16 22.00
CA ARG B 231 -3.94 -15.75 21.63
C ARG B 231 -3.86 -14.79 22.82
N ASP B 232 -3.55 -13.54 22.52
CA ASP B 232 -3.50 -12.50 23.54
C ASP B 232 -4.81 -11.74 23.62
N TYR B 233 -5.67 -12.11 24.56
CA TYR B 233 -6.96 -11.45 24.71
C TYR B 233 -6.86 -10.18 25.53
N ILE B 234 -7.47 -9.09 25.04
CA ILE B 234 -7.44 -7.85 25.77
C ILE B 234 -8.82 -7.24 25.90
N HIS B 235 -9.14 -6.89 27.15
CA HIS B 235 -10.42 -6.30 27.44
C HIS B 235 -10.57 -4.97 26.72
N VAL B 236 -11.66 -4.82 25.98
CA VAL B 236 -11.86 -3.60 25.24
C VAL B 236 -11.77 -2.33 26.10
N MET B 237 -12.11 -2.43 27.38
CA MET B 237 -12.01 -1.26 28.24
C MET B 237 -10.56 -0.87 28.53
N ASP B 238 -9.69 -1.85 28.72
CA ASP B 238 -8.29 -1.56 28.89
C ASP B 238 -7.73 -0.93 27.63
N LEU B 239 -8.20 -1.49 26.52
CA LEU B 239 -7.86 -1.03 25.18
C LEU B 239 -8.30 0.41 24.98
N ALA B 240 -9.55 0.72 25.31
CA ALA B 240 -9.97 2.12 25.18
C ALA B 240 -9.08 3.04 26.01
N ASP B 241 -8.81 2.61 27.23
CA ASP B 241 -8.01 3.39 28.16
C ASP B 241 -6.64 3.67 27.55
N GLY B 242 -6.09 2.63 26.95
CA GLY B 242 -4.77 2.75 26.36
C GLY B 242 -4.75 3.83 25.29
N HIS B 243 -5.86 3.94 24.55
CA HIS B 243 -5.99 4.94 23.50
C HIS B 243 -6.00 6.34 24.06
N VAL B 244 -6.80 6.54 25.11
CA VAL B 244 -6.87 7.81 25.83
C VAL B 244 -5.52 8.27 26.36
N VAL B 245 -4.78 7.34 26.97
CA VAL B 245 -3.45 7.64 27.46
C VAL B 245 -2.56 8.01 26.30
N ALA B 246 -2.58 7.19 25.26
CA ALA B 246 -1.70 7.46 24.12
C ALA B 246 -1.98 8.83 23.53
N MET B 247 -3.27 9.10 23.32
CA MET B 247 -3.69 10.37 22.77
C MET B 247 -3.20 11.54 23.64
N GLU B 248 -3.45 11.42 24.94
CA GLU B 248 -3.05 12.44 25.87
C GLU B 248 -1.55 12.68 25.92
N LYS B 249 -0.80 11.58 26.00
CA LYS B 249 0.62 11.66 26.17
C LYS B 249 1.38 11.96 24.89
N LEU B 250 0.89 11.47 23.75
CA LEU B 250 1.67 11.61 22.53
C LEU B 250 1.37 12.87 21.77
N ALA B 251 0.29 13.52 22.15
CA ALA B 251 -0.04 14.77 21.50
C ALA B 251 1.17 15.70 21.48
N ASN B 252 1.50 16.08 20.26
CA ASN B 252 2.52 17.06 19.95
C ASN B 252 3.93 16.57 20.20
N LYS B 253 4.08 15.27 20.38
CA LYS B 253 5.39 14.67 20.53
C LYS B 253 5.78 13.99 19.23
N PRO B 254 6.62 14.64 18.41
CA PRO B 254 7.01 14.14 17.11
C PRO B 254 7.60 12.73 17.12
N GLY B 255 7.30 11.99 16.08
CA GLY B 255 7.79 10.65 16.00
C GLY B 255 6.70 9.66 15.63
N VAL B 256 7.17 8.45 15.35
CA VAL B 256 6.35 7.27 15.07
C VAL B 256 6.38 6.41 16.32
N HIS B 257 5.29 6.38 17.07
CA HIS B 257 5.30 5.69 18.34
C HIS B 257 4.58 4.37 18.20
N ILE B 258 5.36 3.29 18.13
CA ILE B 258 4.78 1.97 17.91
C ILE B 258 4.63 1.20 19.21
N TYR B 259 3.45 0.74 19.50
CA TYR B 259 3.24 -0.01 20.73
C TYR B 259 2.27 -1.16 20.56
N ASN B 260 2.65 -2.32 21.09
CA ASN B 260 1.72 -3.42 21.16
C ASN B 260 0.74 -3.12 22.27
N LEU B 261 -0.56 -3.14 21.96
CA LEU B 261 -1.55 -3.04 23.04
C LEU B 261 -2.12 -4.42 23.30
N GLY B 262 -1.80 -4.99 24.44
CA GLY B 262 -2.22 -6.35 24.71
C GLY B 262 -2.04 -6.68 26.17
N ALA B 263 -2.47 -7.89 26.56
CA ALA B 263 -2.30 -8.35 27.93
C ALA B 263 -0.90 -8.86 28.25
N GLY B 264 -0.20 -9.36 27.24
CA GLY B 264 1.16 -9.87 27.42
C GLY B 264 1.18 -11.31 27.94
N VAL B 265 0.08 -12.01 27.72
CA VAL B 265 -0.03 -13.40 28.12
C VAL B 265 -1.03 -14.09 27.22
N GLY B 266 -0.76 -15.37 26.94
CA GLY B 266 -1.55 -16.23 26.07
C GLY B 266 -2.63 -17.05 26.77
N ASN B 267 -3.70 -17.37 26.03
CA ASN B 267 -4.83 -18.18 26.47
C ASN B 267 -5.46 -18.92 25.30
N SER B 268 -5.70 -20.22 25.46
CA SER B 268 -6.21 -21.03 24.38
C SER B 268 -7.69 -20.85 24.14
N VAL B 269 -8.16 -21.38 23.01
CA VAL B 269 -9.57 -21.34 22.70
C VAL B 269 -10.38 -21.94 23.85
N LEU B 270 -9.92 -23.11 24.32
CA LEU B 270 -10.54 -23.84 25.41
C LEU B 270 -10.47 -23.07 26.71
N ASP B 271 -9.37 -22.35 26.92
CA ASP B 271 -9.22 -21.51 28.08
C ASP B 271 -10.36 -20.51 28.14
N VAL B 272 -10.62 -19.89 27.00
CA VAL B 272 -11.66 -18.87 26.87
C VAL B 272 -13.06 -19.43 27.07
N VAL B 273 -13.26 -20.60 26.46
CA VAL B 273 -14.48 -21.38 26.58
C VAL B 273 -14.84 -21.64 28.03
N ASN B 274 -13.84 -22.12 28.78
CA ASN B 274 -13.99 -22.38 30.21
C ASN B 274 -14.31 -21.10 30.99
N ALA B 275 -13.65 -20.01 30.61
CA ALA B 275 -13.94 -18.74 31.23
C ALA B 275 -15.40 -18.35 31.05
N PHE B 276 -15.94 -18.55 29.85
CA PHE B 276 -17.31 -18.14 29.62
C PHE B 276 -18.33 -19.00 30.36
N SER B 277 -18.07 -20.30 30.37
CA SER B 277 -18.99 -21.26 30.95
C SER B 277 -19.17 -20.98 32.43
N LYS B 278 -18.04 -20.64 33.03
CA LYS B 278 -18.07 -20.26 34.42
C LYS B 278 -18.71 -18.90 34.58
N ALA B 279 -18.51 -18.03 33.60
CA ALA B 279 -19.21 -16.76 33.59
C ALA B 279 -20.72 -16.91 33.39
N CYS B 280 -21.10 -17.68 32.38
CA CYS B 280 -22.51 -17.83 32.06
C CYS B 280 -23.27 -18.79 32.95
N GLY B 281 -22.56 -19.71 33.58
CA GLY B 281 -23.23 -20.61 34.50
C GLY B 281 -23.67 -21.92 33.85
N LYS B 282 -23.48 -22.02 32.54
CA LYS B 282 -23.74 -23.28 31.88
C LYS B 282 -22.58 -23.59 31.00
N PRO B 283 -22.32 -24.87 30.92
CA PRO B 283 -21.25 -25.32 30.07
C PRO B 283 -21.58 -24.95 28.62
N VAL B 284 -20.62 -24.30 28.00
CA VAL B 284 -20.77 -23.79 26.65
C VAL B 284 -20.57 -24.90 25.63
N ASN B 285 -21.61 -25.16 24.82
CA ASN B 285 -21.58 -26.24 23.84
C ASN B 285 -20.52 -25.97 22.78
N TYR B 286 -19.60 -26.92 22.58
CA TYR B 286 -18.62 -26.78 21.52
C TYR B 286 -18.19 -28.08 20.89
N HIS B 287 -17.47 -27.95 19.78
CA HIS B 287 -16.97 -29.09 19.07
C HIS B 287 -15.68 -28.74 18.37
N PHE B 288 -15.00 -29.75 17.84
CA PHE B 288 -13.79 -29.57 17.07
C PHE B 288 -14.04 -29.53 15.57
N ALA B 289 -13.24 -28.69 14.93
CA ALA B 289 -13.32 -28.52 13.51
C ALA B 289 -11.91 -28.38 12.99
N PRO B 290 -11.73 -28.70 11.72
CA PRO B 290 -10.42 -28.59 11.15
C PRO B 290 -9.93 -27.18 11.38
N ARG B 291 -8.64 -27.00 11.12
CA ARG B 291 -7.99 -25.71 11.20
C ARG B 291 -8.60 -24.70 10.24
N ARG B 292 -8.66 -23.45 10.69
CA ARG B 292 -9.08 -22.34 9.86
C ARG B 292 -7.92 -21.73 9.10
N GLU B 293 -8.04 -21.63 7.78
CA GLU B 293 -6.96 -21.13 6.93
C GLU B 293 -6.40 -19.81 7.43
N GLY B 294 -5.07 -19.74 7.45
CA GLY B 294 -4.37 -18.56 7.89
C GLY B 294 -4.04 -18.56 9.37
N ASP B 295 -4.71 -19.39 10.16
CA ASP B 295 -4.48 -19.38 11.59
C ASP B 295 -3.05 -19.74 12.00
N LEU B 296 -2.49 -18.91 12.88
CA LEU B 296 -1.22 -19.20 13.52
C LEU B 296 -1.53 -19.97 14.79
N PRO B 297 -0.63 -20.87 15.14
CA PRO B 297 -0.83 -21.70 16.31
C PRO B 297 -0.87 -20.94 17.63
N ALA B 298 0.04 -19.98 17.83
CA ALA B 298 0.04 -19.25 19.08
C ALA B 298 0.86 -17.98 19.05
N TYR B 299 0.31 -16.92 19.64
CA TYR B 299 1.02 -15.67 19.74
C TYR B 299 0.44 -14.76 20.80
N TRP B 300 1.32 -13.91 21.30
CA TRP B 300 0.92 -12.91 22.25
C TRP B 300 1.94 -11.78 22.27
N ALA B 301 1.45 -10.69 22.85
CA ALA B 301 2.16 -9.44 22.96
C ALA B 301 3.18 -9.35 24.07
N ASP B 302 4.28 -8.67 23.75
CA ASP B 302 5.17 -8.14 24.76
C ASP B 302 4.76 -6.69 24.92
N ALA B 303 4.04 -6.36 26.01
CA ALA B 303 3.48 -5.03 26.24
C ALA B 303 4.25 -4.16 27.24
N SER B 304 5.52 -4.50 27.47
CA SER B 304 6.35 -3.79 28.43
C SER B 304 6.66 -2.35 28.00
N LYS B 305 6.79 -2.17 26.68
CA LYS B 305 7.11 -0.88 26.09
C LYS B 305 6.11 0.18 26.51
N ALA B 306 4.84 -0.20 26.34
CA ALA B 306 3.73 0.67 26.69
C ALA B 306 3.67 0.86 28.19
N ASP B 307 4.07 -0.17 28.92
CA ASP B 307 4.09 -0.05 30.37
C ASP B 307 5.19 0.92 30.76
N ARG B 308 6.37 0.67 30.20
CA ARG B 308 7.50 1.56 30.38
C ARG B 308 7.25 2.97 29.90
N GLU B 309 6.86 3.13 28.64
CA GLU B 309 6.80 4.47 28.11
C GLU B 309 5.53 5.24 28.40
N LEU B 310 4.40 4.56 28.31
CA LEU B 310 3.19 5.30 28.56
C LEU B 310 2.62 5.03 29.93
N ASN B 311 3.28 4.16 30.69
CA ASN B 311 2.77 3.84 32.02
C ASN B 311 1.36 3.31 31.88
N TRP B 312 1.17 2.39 30.93
CA TRP B 312 -0.12 1.77 30.75
C TRP B 312 0.03 0.26 30.71
N ARG B 313 -0.92 -0.42 31.37
CA ARG B 313 -1.01 -1.86 31.27
C ARG B 313 -2.43 -2.27 31.52
N VAL B 314 -2.77 -3.50 31.16
CA VAL B 314 -4.12 -4.02 31.38
C VAL B 314 -4.41 -4.23 32.86
N THR B 315 -5.63 -3.89 33.24
CA THR B 315 -6.06 -4.10 34.60
C THR B 315 -7.20 -5.10 34.72
N ARG B 316 -7.90 -5.32 33.61
CA ARG B 316 -8.99 -6.30 33.57
C ARG B 316 -8.47 -7.70 33.39
N THR B 317 -9.26 -8.65 33.86
CA THR B 317 -8.93 -10.06 33.79
C THR B 317 -9.72 -10.78 32.71
N LEU B 318 -9.29 -11.99 32.40
CA LEU B 318 -9.96 -12.87 31.46
C LEU B 318 -11.42 -13.15 31.84
N ASP B 319 -11.65 -13.41 33.12
CA ASP B 319 -12.99 -13.65 33.61
C ASP B 319 -13.87 -12.43 33.44
N GLU B 320 -13.23 -11.29 33.67
CA GLU B 320 -13.86 -10.02 33.49
C GLU B 320 -14.26 -9.84 32.03
N MET B 321 -13.38 -10.25 31.13
CA MET B 321 -13.74 -10.16 29.73
C MET B 321 -14.98 -10.99 29.44
N ALA B 322 -14.98 -12.26 29.85
CA ALA B 322 -16.14 -13.12 29.62
C ALA B 322 -17.38 -12.64 30.37
N GLN B 323 -17.18 -12.28 31.63
CA GLN B 323 -18.28 -11.83 32.46
C GLN B 323 -18.98 -10.62 31.87
N ASP B 324 -18.17 -9.67 31.39
CA ASP B 324 -18.74 -8.46 30.84
C ASP B 324 -19.43 -8.70 29.53
N THR B 325 -18.80 -9.52 28.69
CA THR B 325 -19.38 -9.90 27.41
C THR B 325 -20.73 -10.59 27.62
N TRP B 326 -20.73 -11.53 28.55
CA TRP B 326 -21.96 -12.22 28.91
C TRP B 326 -23.05 -11.25 29.34
N HIS B 327 -22.68 -10.31 30.21
CA HIS B 327 -23.61 -9.32 30.72
C HIS B 327 -24.24 -8.46 29.64
N TRP B 328 -23.46 -8.10 28.61
CA TRP B 328 -23.99 -7.36 27.47
C TRP B 328 -24.82 -8.29 26.59
N GLN B 329 -24.29 -9.48 26.33
CA GLN B 329 -25.00 -10.42 25.50
C GLN B 329 -26.35 -10.78 26.12
N SER B 330 -26.33 -11.02 27.42
CA SER B 330 -27.53 -11.39 28.14
C SER B 330 -28.55 -10.27 28.12
N ARG B 331 -28.08 -9.05 28.37
CA ARG B 331 -28.90 -7.82 28.38
C ARG B 331 -29.42 -7.42 27.02
N HIS B 332 -28.57 -7.56 25.98
CA HIS B 332 -28.97 -7.16 24.65
C HIS B 332 -28.62 -8.24 23.67
N PRO B 333 -29.43 -9.29 23.73
CA PRO B 333 -29.24 -10.52 22.98
C PRO B 333 -29.28 -10.31 21.47
N GLN B 334 -30.06 -9.32 21.05
CA GLN B 334 -30.12 -8.98 19.65
C GLN B 334 -29.19 -7.83 19.27
N GLY B 335 -28.32 -7.41 20.20
CA GLY B 335 -27.44 -6.27 20.01
C GLY B 335 -28.19 -4.93 20.05
N TYR B 336 -27.64 -3.95 19.32
CA TYR B 336 -28.25 -2.63 19.19
C TYR B 336 -29.49 -2.64 18.30
N PRO B 337 -30.47 -1.83 18.70
CA PRO B 337 -31.75 -1.75 18.01
C PRO B 337 -31.65 -1.08 16.65
N ASP B 338 -32.59 -1.40 15.77
CA ASP B 338 -32.67 -0.77 14.47
C ASP B 338 -33.40 0.55 14.66
#